data_8W10
#
_entry.id   8W10
#
_cell.length_a   82.310
_cell.length_b   88.302
_cell.length_c   230.675
_cell.angle_alpha   90.000
_cell.angle_beta   90.000
_cell.angle_gamma   90.000
#
_symmetry.space_group_name_H-M   'I 2 2 2'
#
loop_
_entity.id
_entity.type
_entity.pdbx_description
1 polymer 'Aspartyl protease, putative'
2 branched 2-acetamido-2-deoxy-beta-D-glucopyranose-(1-4)-2-acetamido-2-deoxy-beta-D-glucopyranose
3 non-polymer GLYCEROL
4 non-polymer (2R,3S)-3-[(2S)-2-amino-4,4-diethyl-6-oxo-1,3-diazinan-1-yl]-N-[(1R,2R)-2-hydroxy-2,3-dihydro-1H-inden-1-yl]-2-(methoxymethyl)-2-methyl-2,3-dihydro-1-benzofuran-5-carboxamide
5 non-polymer 'SULFATE ION'
6 non-polymer 2-acetamido-2-deoxy-beta-D-glucopyranose
7 water water
#
_entity_poly.entity_id   1
_entity_poly.type   'polypeptide(L)'
_entity_poly.pdbx_seq_one_letter_code
;IDVKNAHAVVEQTEENVFLIPLKHLRDSQFVGTLLVGVPPQEIHPIFDTGSTNLWVVTTDCEEESCKKVKRYNPYKSKTF
RRSFIGKNLHIVFGSGSISGSIGKETFVLGDHTVRNQTFGLVESESNDSLNGDNIFDYIDFEGIVGLGFPEMLSAGKVSF
FDNLLSQNKNLSPQFSFYISPEDNTSTFLVGGVSKSFYEGSIYMLPVVKEYYWEVELDGIYVGEKKICCEEKSYAIFDTG
TSYNTMPSAQMKGFFDVVPSAPCTEENYQEVLKNYPVIKYLFGDLVIELLPEEYMILNEESCIPAYMQIDVPSEKNHAYL
LGSIAFMRHYYTVFVRGAGGQPSMVGVAKARAAAEAAQKVAELENLYFQGDYKDDDDKH
;
_entity_poly.pdbx_strand_id   A,B
#
loop_
_chem_comp.id
_chem_comp.type
_chem_comp.name
_chem_comp.formula
GOL non-polymer GLYCEROL 'C3 H8 O3'
NAG D-saccharide, beta linking 2-acetamido-2-deoxy-beta-D-glucopyranose 'C8 H15 N O6'
SO4 non-polymer 'SULFATE ION' 'O4 S -2'
ZRN non-polymer (2R,3S)-3-[(2S)-2-amino-4,4-diethyl-6-oxo-1,3-diazinan-1-yl]-N-[(1R,2R)-2-hydroxy-2,3-dihydro-1H-inden-1-yl]-2-(methoxymethyl)-2-methyl-2,3-dihydro-1-benzofuran-5-carboxamide 'C29 H36 N4 O5'
#
# COMPACT_ATOMS: atom_id res chain seq x y z
N ASN A 5 12.42 3.20 5.38
CA ASN A 5 11.80 1.94 4.97
C ASN A 5 10.54 2.21 4.16
N ALA A 6 9.51 2.77 4.79
CA ALA A 6 8.23 2.95 4.14
C ALA A 6 8.19 4.26 3.34
N HIS A 7 7.34 4.29 2.33
CA HIS A 7 6.97 5.52 1.64
C HIS A 7 5.58 5.94 2.10
N ALA A 8 5.35 7.25 2.12
CA ALA A 8 4.05 7.81 2.42
C ALA A 8 3.54 8.62 1.23
N VAL A 9 2.23 8.80 1.15
CA VAL A 9 1.63 9.55 0.06
C VAL A 9 1.24 10.91 0.61
N VAL A 10 2.09 11.91 0.39
CA VAL A 10 1.83 13.29 0.81
C VAL A 10 1.18 14.05 -0.34
N GLU A 11 0.25 14.95 0.00
CA GLU A 11 -0.40 15.78 -1.00
C GLU A 11 0.57 16.79 -1.57
N GLN A 12 0.35 17.17 -2.83
CA GLN A 12 1.20 18.15 -3.48
C GLN A 12 0.33 19.03 -4.35
N THR A 13 0.89 20.19 -4.71
CA THR A 13 0.20 21.16 -5.55
C THR A 13 -0.01 20.62 -6.96
N GLU A 14 -1.18 20.93 -7.53
CA GLU A 14 -1.64 20.32 -8.78
C GLU A 14 -0.75 20.66 -9.97
N GLU A 15 0.30 21.46 -9.74
CA GLU A 15 1.21 21.81 -10.81
C GLU A 15 2.55 21.08 -10.72
N ASN A 16 2.80 20.30 -9.67
CA ASN A 16 4.01 19.50 -9.58
C ASN A 16 3.76 18.07 -9.99
N VAL A 17 2.53 17.78 -10.38
CA VAL A 17 2.16 16.55 -11.04
C VAL A 17 1.33 17.00 -12.24
N PHE A 18 1.84 16.80 -13.45
CA PHE A 18 1.11 17.21 -14.63
C PHE A 18 0.59 15.96 -15.35
N LEU A 19 -0.60 16.07 -15.94
CA LEU A 19 -1.29 14.94 -16.52
C LEU A 19 -1.15 14.98 -18.03
N ILE A 20 -0.84 13.83 -18.61
CA ILE A 20 -0.70 13.67 -20.05
C ILE A 20 -1.78 12.72 -20.55
N PRO A 21 -2.87 13.24 -21.08
CA PRO A 21 -3.89 12.38 -21.68
C PRO A 21 -3.27 11.44 -22.70
N LEU A 22 -3.64 10.17 -22.62
CA LEU A 22 -3.22 9.16 -23.57
C LEU A 22 -4.46 8.64 -24.27
N LYS A 23 -4.52 8.83 -25.59
CA LYS A 23 -5.58 8.26 -26.40
C LYS A 23 -5.17 6.86 -26.86
N HIS A 24 -6.12 5.93 -26.80
CA HIS A 24 -5.88 4.55 -27.24
C HIS A 24 -6.34 4.45 -28.69
N LEU A 25 -5.39 4.51 -29.61
CA LEU A 25 -5.69 4.47 -31.03
C LEU A 25 -6.15 3.07 -31.45
N ARG A 26 -6.78 3.01 -32.63
CA ARG A 26 -7.26 1.73 -33.13
C ARG A 26 -6.13 0.77 -33.46
N ASP A 27 -4.90 1.27 -33.59
CA ASP A 27 -3.73 0.44 -33.84
C ASP A 27 -3.05 -0.04 -32.56
N SER A 28 -3.77 -0.06 -31.44
CA SER A 28 -3.25 -0.57 -30.18
C SER A 28 -2.13 0.30 -29.60
N GLN A 29 -2.19 1.60 -29.87
CA GLN A 29 -1.17 2.53 -29.44
C GLN A 29 -1.76 3.47 -28.39
N PHE A 30 -1.02 3.69 -27.31
CA PHE A 30 -1.38 4.70 -26.32
C PHE A 30 -0.47 5.90 -26.56
N VAL A 31 -1.01 6.92 -27.22
CA VAL A 31 -0.21 8.06 -27.68
C VAL A 31 -0.62 9.31 -26.91
N GLY A 32 0.37 10.10 -26.50
CA GLY A 32 0.17 11.40 -25.92
C GLY A 32 0.50 12.51 -26.90
N THR A 33 0.83 13.68 -26.36
CA THR A 33 1.21 14.83 -27.16
C THR A 33 2.58 15.33 -26.73
N LEU A 34 3.41 15.67 -27.71
CA LEU A 34 4.72 16.24 -27.45
C LEU A 34 4.97 17.36 -28.45
N LEU A 35 5.51 18.47 -27.97
CA LEU A 35 5.83 19.62 -28.80
C LEU A 35 7.33 19.68 -28.99
N VAL A 36 7.78 19.66 -30.24
CA VAL A 36 9.19 19.64 -30.58
C VAL A 36 9.55 20.96 -31.23
N GLY A 37 10.61 21.60 -30.73
CA GLY A 37 11.17 22.74 -31.40
C GLY A 37 10.38 24.03 -31.22
N VAL A 38 10.79 25.02 -32.03
CA VAL A 38 10.26 26.38 -32.02
C VAL A 38 10.32 26.93 -33.44
N PRO A 39 9.17 27.23 -34.09
CA PRO A 39 7.82 27.04 -33.58
C PRO A 39 7.55 25.59 -33.24
N PRO A 40 6.61 25.35 -32.33
CA PRO A 40 6.34 23.97 -31.91
C PRO A 40 5.82 23.15 -33.08
N GLN A 41 6.39 21.97 -33.26
CA GLN A 41 5.83 20.96 -34.14
C GLN A 41 5.26 19.85 -33.27
N GLU A 42 4.03 19.45 -33.54
CA GLU A 42 3.33 18.50 -32.71
C GLU A 42 3.56 17.08 -33.20
N ILE A 43 3.96 16.20 -32.28
CA ILE A 43 4.00 14.78 -32.56
C ILE A 43 3.14 14.09 -31.50
N HIS A 44 2.78 12.84 -31.78
CA HIS A 44 1.93 12.03 -30.91
C HIS A 44 2.67 10.75 -30.56
N PRO A 45 3.59 10.81 -29.61
CA PRO A 45 4.44 9.64 -29.31
C PRO A 45 3.77 8.68 -28.33
N ILE A 46 4.41 7.52 -28.18
CA ILE A 46 4.04 6.61 -27.13
C ILE A 46 5.01 6.77 -25.97
N PHE A 47 4.56 6.42 -24.77
CA PHE A 47 5.40 6.51 -23.58
C PHE A 47 5.74 5.10 -23.13
N ASP A 48 7.04 4.80 -23.09
CA ASP A 48 7.53 3.44 -23.01
C ASP A 48 8.52 3.31 -21.85
N THR A 49 8.18 2.45 -20.90
CA THR A 49 9.05 2.14 -19.77
C THR A 49 10.07 1.06 -20.09
N GLY A 50 10.15 0.61 -21.35
CA GLY A 50 11.05 -0.45 -21.75
C GLY A 50 12.16 0.01 -22.67
N SER A 51 12.38 1.32 -22.70
CA SER A 51 13.46 1.95 -23.45
C SER A 51 13.54 3.39 -22.97
N THR A 52 14.70 4.02 -23.20
CA THR A 52 14.88 5.39 -22.75
C THR A 52 15.27 6.36 -23.86
N ASN A 53 15.56 5.87 -25.07
CA ASN A 53 15.81 6.78 -26.19
C ASN A 53 14.53 7.52 -26.55
N LEU A 54 14.68 8.80 -26.87
CA LEU A 54 13.59 9.63 -27.36
C LEU A 54 13.66 9.66 -28.89
N TRP A 55 12.63 9.10 -29.53
CA TRP A 55 12.58 8.99 -30.98
C TRP A 55 11.49 9.89 -31.54
N VAL A 56 11.80 10.57 -32.65
CA VAL A 56 10.85 11.40 -33.37
C VAL A 56 10.92 11.01 -34.83
N VAL A 57 9.77 10.93 -35.49
CA VAL A 57 9.74 10.68 -36.92
C VAL A 57 9.87 12.00 -37.64
N THR A 58 10.78 12.06 -38.62
CA THR A 58 11.19 13.31 -39.25
C THR A 58 11.00 13.24 -40.76
N THR A 59 10.99 14.41 -41.38
CA THR A 59 10.92 14.51 -42.83
C THR A 59 12.16 13.92 -43.51
N ASP A 60 13.17 13.50 -42.72
CA ASP A 60 14.31 12.76 -43.25
C ASP A 60 13.96 11.35 -43.68
N CYS A 61 12.81 10.84 -43.28
CA CYS A 61 12.36 9.50 -43.66
C CYS A 61 11.22 9.64 -44.67
N GLU A 62 11.51 9.36 -45.93
CA GLU A 62 10.49 9.45 -46.97
C GLU A 62 9.90 8.09 -47.31
N GLU A 63 10.10 7.10 -46.45
CA GLU A 63 9.53 5.78 -46.67
C GLU A 63 8.02 5.81 -46.59
N GLU A 64 7.41 4.78 -47.20
CA GLU A 64 5.96 4.73 -47.32
C GLU A 64 5.26 4.88 -45.98
N SER A 65 5.78 4.23 -44.93
CA SER A 65 5.13 4.27 -43.62
C SER A 65 5.39 5.56 -42.85
N CYS A 66 6.45 6.31 -43.21
CA CYS A 66 6.68 7.60 -42.56
C CYS A 66 5.76 8.67 -43.10
N LYS A 67 5.61 8.74 -44.43
CA LYS A 67 4.86 9.82 -45.04
C LYS A 67 3.38 9.81 -44.65
N LYS A 68 2.89 8.73 -44.05
CA LYS A 68 1.49 8.68 -43.64
C LYS A 68 1.24 9.42 -42.33
N VAL A 69 2.28 9.88 -41.64
CA VAL A 69 2.15 10.54 -40.35
C VAL A 69 2.62 11.98 -40.49
N LYS A 70 2.40 12.76 -39.44
CA LYS A 70 2.84 14.15 -39.38
C LYS A 70 4.31 14.15 -38.98
N ARG A 71 5.19 14.16 -39.97
CA ARG A 71 6.61 14.12 -39.70
C ARG A 71 7.08 15.44 -39.09
N TYR A 72 8.13 15.34 -38.29
CA TYR A 72 8.80 16.50 -37.72
C TYR A 72 9.85 16.99 -38.71
N ASN A 73 9.70 18.21 -39.19
CA ASN A 73 10.67 18.80 -40.11
C ASN A 73 11.71 19.60 -39.32
N PRO A 74 12.90 19.02 -39.09
CA PRO A 74 13.90 19.73 -38.29
C PRO A 74 14.43 21.00 -38.94
N TYR A 75 14.30 21.14 -40.26
CA TYR A 75 14.77 22.35 -40.93
C TYR A 75 13.85 23.53 -40.70
N LYS A 76 12.65 23.30 -40.16
CA LYS A 76 11.76 24.38 -39.78
C LYS A 76 11.94 24.78 -38.33
N SER A 77 12.70 24.01 -37.55
CA SER A 77 12.90 24.32 -36.15
C SER A 77 14.13 25.19 -35.94
N LYS A 78 13.98 26.27 -35.21
CA LYS A 78 15.09 27.18 -34.95
C LYS A 78 15.86 26.82 -33.69
N THR A 79 15.43 25.78 -32.97
CA THR A 79 16.16 25.31 -31.81
C THR A 79 16.85 23.98 -32.06
N PHE A 80 16.57 23.33 -33.20
CA PHE A 80 17.21 22.06 -33.52
C PHE A 80 18.68 22.28 -33.78
N ARG A 81 19.50 21.33 -33.33
CA ARG A 81 20.94 21.45 -33.48
C ARG A 81 21.53 20.06 -33.65
N ARG A 82 22.06 19.78 -34.82
CA ARG A 82 22.92 18.63 -35.03
C ARG A 82 24.30 18.94 -34.44
N SER A 83 24.98 17.91 -33.97
CA SER A 83 26.33 18.13 -33.47
C SER A 83 27.30 17.96 -34.65
N PHE A 84 28.42 18.69 -34.60
CA PHE A 84 29.29 18.74 -35.77
C PHE A 84 29.73 17.35 -36.20
N ILE A 85 29.96 16.45 -35.24
CA ILE A 85 30.28 15.07 -35.57
C ILE A 85 29.01 14.28 -35.28
N GLY A 86 28.43 13.70 -36.32
CA GLY A 86 27.17 13.01 -36.18
C GLY A 86 27.33 11.59 -35.71
N LYS A 87 26.25 11.06 -35.14
CA LYS A 87 26.21 9.68 -34.67
C LYS A 87 25.02 8.98 -35.31
N ASN A 88 25.26 7.86 -35.98
CA ASN A 88 24.15 7.10 -36.53
C ASN A 88 23.60 6.18 -35.45
N LEU A 89 22.37 5.73 -35.65
CA LEU A 89 21.64 5.01 -34.60
C LEU A 89 20.71 3.96 -35.20
N HIS A 90 20.94 2.69 -34.88
CA HIS A 90 20.16 1.59 -35.45
C HIS A 90 19.65 0.71 -34.33
N ILE A 91 18.33 0.57 -34.24
CA ILE A 91 17.68 -0.20 -33.19
C ILE A 91 16.80 -1.26 -33.82
N VAL A 92 17.03 -2.52 -33.44
CA VAL A 92 16.23 -3.64 -33.93
C VAL A 92 15.60 -4.32 -32.74
N PHE A 93 14.28 -4.50 -32.79
CA PHE A 93 13.54 -5.18 -31.74
C PHE A 93 12.71 -6.27 -32.41
N GLY A 94 11.66 -6.73 -31.73
CA GLY A 94 10.96 -7.92 -32.18
C GLY A 94 10.08 -7.73 -33.41
N SER A 95 9.46 -6.56 -33.55
CA SER A 95 8.50 -6.32 -34.61
C SER A 95 8.95 -5.27 -35.62
N GLY A 96 10.23 -4.95 -35.65
CA GLY A 96 10.75 -4.03 -36.64
C GLY A 96 12.09 -3.47 -36.20
N SER A 97 12.58 -2.54 -37.00
CA SER A 97 13.82 -1.85 -36.71
C SER A 97 13.61 -0.37 -36.98
N ILE A 98 14.46 0.45 -36.37
CA ILE A 98 14.37 1.89 -36.51
C ILE A 98 15.79 2.46 -36.61
N SER A 99 16.01 3.30 -37.62
CA SER A 99 17.32 3.89 -37.90
C SER A 99 17.19 5.40 -37.99
N GLY A 100 18.24 6.09 -37.56
CA GLY A 100 18.23 7.53 -37.66
C GLY A 100 19.52 8.12 -37.13
N SER A 101 19.56 9.44 -37.12
CA SER A 101 20.69 10.21 -36.62
C SER A 101 20.33 10.85 -35.29
N ILE A 102 21.33 11.38 -34.61
CA ILE A 102 21.15 12.00 -33.30
C ILE A 102 21.17 13.51 -33.48
N GLY A 103 20.40 14.21 -32.66
CA GLY A 103 20.35 15.66 -32.68
C GLY A 103 19.89 16.16 -31.33
N LYS A 104 19.93 17.48 -31.17
CA LYS A 104 19.46 18.12 -29.95
C LYS A 104 18.35 19.10 -30.29
N GLU A 105 17.32 19.13 -29.46
CA GLU A 105 16.15 19.93 -29.72
C GLU A 105 15.50 20.29 -28.39
N THR A 106 14.60 21.27 -28.43
CA THR A 106 13.83 21.68 -27.26
C THR A 106 12.46 21.00 -27.30
N PHE A 107 12.03 20.47 -26.17
CA PHE A 107 10.75 19.77 -26.08
C PHE A 107 9.88 20.43 -25.03
N VAL A 108 8.55 20.32 -25.22
CA VAL A 108 7.58 20.73 -24.22
C VAL A 108 6.66 19.54 -23.98
N LEU A 109 6.63 19.05 -22.73
CA LEU A 109 5.78 17.94 -22.33
C LEU A 109 4.94 18.37 -21.13
N GLY A 110 3.64 18.52 -21.32
CA GLY A 110 2.82 18.96 -20.21
C GLY A 110 3.18 20.34 -19.73
N ASP A 111 3.38 21.28 -20.65
CA ASP A 111 3.68 22.67 -20.33
C ASP A 111 5.00 22.83 -19.58
N HIS A 112 5.85 21.81 -19.62
CA HIS A 112 7.19 21.86 -19.05
C HIS A 112 8.19 21.71 -20.20
N THR A 113 9.19 22.57 -20.23
CA THR A 113 10.13 22.63 -21.33
C THR A 113 11.45 21.96 -20.95
N VAL A 114 12.04 21.26 -21.90
CA VAL A 114 13.34 20.64 -21.73
C VAL A 114 14.22 21.07 -22.89
N ARG A 115 15.42 21.53 -22.58
CA ARG A 115 16.37 22.04 -23.56
C ARG A 115 17.59 21.12 -23.62
N ASN A 116 18.32 21.19 -24.73
CA ASN A 116 19.52 20.38 -24.93
C ASN A 116 19.21 18.88 -24.86
N GLN A 117 18.03 18.48 -25.31
CA GLN A 117 17.59 17.10 -25.19
C GLN A 117 18.09 16.33 -26.39
N THR A 118 18.99 15.38 -26.14
CA THR A 118 19.42 14.47 -27.20
C THR A 118 18.25 13.59 -27.63
N PHE A 119 18.13 13.37 -28.94
CA PHE A 119 17.05 12.53 -29.42
C PHE A 119 17.43 12.00 -30.79
N GLY A 120 16.75 10.92 -31.19
CA GLY A 120 17.00 10.29 -32.48
C GLY A 120 15.96 10.74 -33.50
N LEU A 121 16.44 11.15 -34.66
CA LEU A 121 15.59 11.50 -35.78
C LEU A 121 15.40 10.26 -36.63
N VAL A 122 14.15 9.79 -36.73
CA VAL A 122 13.87 8.59 -37.48
C VAL A 122 14.11 8.86 -38.96
N GLU A 123 14.99 8.07 -39.58
CA GLU A 123 15.25 8.18 -41.00
C GLU A 123 14.81 6.95 -41.78
N SER A 124 14.75 5.78 -41.16
CA SER A 124 14.34 4.56 -41.84
C SER A 124 13.51 3.70 -40.90
N GLU A 125 12.60 2.92 -41.47
CA GLU A 125 11.76 2.00 -40.70
C GLU A 125 11.61 0.66 -41.42
N SER A 126 12.71 0.08 -41.91
CA SER A 126 12.63 -1.11 -42.75
C SER A 126 13.43 -2.24 -42.11
N ASN A 127 12.74 -3.31 -41.76
CA ASN A 127 13.37 -4.53 -41.21
C ASN A 127 14.16 -5.31 -42.28
N ASN A 134 7.02 -5.66 -41.70
CA ASN A 134 7.30 -4.70 -40.63
C ASN A 134 6.02 -4.21 -40.00
N ILE A 135 6.08 -3.89 -38.70
CA ILE A 135 4.88 -3.45 -37.99
C ILE A 135 4.59 -1.97 -38.12
N PHE A 136 5.58 -1.16 -38.51
CA PHE A 136 5.30 0.25 -38.76
C PHE A 136 4.32 0.43 -39.91
N ASP A 137 3.99 -0.65 -40.62
CA ASP A 137 2.93 -0.68 -41.61
C ASP A 137 1.55 -0.83 -40.98
N TYR A 138 1.49 -1.17 -39.68
CA TYR A 138 0.24 -1.40 -38.98
C TYR A 138 -0.07 -0.32 -37.94
N ILE A 139 0.70 0.77 -37.89
CA ILE A 139 0.47 1.83 -36.92
C ILE A 139 0.85 3.18 -37.53
N ASP A 140 0.30 4.26 -36.94
CA ASP A 140 0.67 5.63 -37.27
C ASP A 140 1.71 6.09 -36.25
N PHE A 141 2.95 5.64 -36.47
CA PHE A 141 4.02 5.86 -35.51
C PHE A 141 4.64 7.23 -35.70
N GLU A 142 4.77 7.99 -34.60
CA GLU A 142 5.34 9.32 -34.64
C GLU A 142 6.51 9.52 -33.70
N GLY A 143 6.71 8.64 -32.74
CA GLY A 143 7.86 8.77 -31.86
C GLY A 143 7.68 7.99 -30.59
N ILE A 144 8.76 7.93 -29.82
CA ILE A 144 8.81 7.20 -28.57
C ILE A 144 9.42 8.11 -27.50
N VAL A 145 8.76 8.19 -26.36
CA VAL A 145 9.34 8.80 -25.17
C VAL A 145 9.82 7.65 -24.28
N GLY A 146 11.13 7.44 -24.23
CA GLY A 146 11.67 6.37 -23.42
C GLY A 146 11.72 6.77 -21.96
N LEU A 147 11.26 5.88 -21.09
CA LEU A 147 11.20 6.14 -19.66
C LEU A 147 12.02 5.14 -18.86
N GLY A 148 12.85 4.35 -19.51
CA GLY A 148 13.73 3.45 -18.80
C GLY A 148 14.85 4.20 -18.12
N PHE A 149 15.84 3.44 -17.69
CA PHE A 149 16.96 4.05 -16.99
C PHE A 149 18.06 4.43 -17.97
N PRO A 150 18.97 5.34 -17.57
CA PRO A 150 19.93 5.88 -18.54
C PRO A 150 20.81 4.82 -19.17
N GLU A 151 21.09 3.73 -18.46
CA GLU A 151 21.97 2.69 -19.01
C GLU A 151 21.45 2.15 -20.33
N MET A 152 20.16 2.26 -20.59
CA MET A 152 19.55 1.78 -21.81
C MET A 152 19.62 2.79 -22.95
N LEU A 153 20.21 3.95 -22.71
CA LEU A 153 20.35 4.96 -23.76
C LEU A 153 21.29 4.48 -24.86
N SER A 154 20.76 4.37 -26.08
CA SER A 154 21.63 4.07 -27.20
C SER A 154 22.57 5.23 -27.51
N ALA A 155 22.24 6.44 -27.07
CA ALA A 155 23.03 7.62 -27.37
C ALA A 155 22.51 8.79 -26.54
N GLY A 156 23.44 9.62 -26.10
CA GLY A 156 23.14 10.74 -25.23
C GLY A 156 23.77 10.56 -23.87
N LYS A 157 23.96 11.68 -23.18
CA LYS A 157 24.52 11.67 -21.84
C LYS A 157 23.46 11.81 -20.77
N VAL A 158 22.22 12.13 -21.16
CA VAL A 158 21.16 12.43 -20.21
C VAL A 158 19.83 11.91 -20.76
N SER A 159 19.13 11.11 -19.97
CA SER A 159 17.81 10.63 -20.35
C SER A 159 16.83 11.79 -20.43
N PHE A 160 15.86 11.68 -21.33
CA PHE A 160 14.86 12.73 -21.44
C PHE A 160 14.14 12.96 -20.11
N PHE A 161 13.94 11.91 -19.33
CA PHE A 161 13.27 12.08 -18.04
C PHE A 161 14.20 12.73 -17.04
N ASP A 162 15.42 12.20 -16.91
CA ASP A 162 16.40 12.82 -16.04
C ASP A 162 16.62 14.29 -16.39
N ASN A 163 16.59 14.61 -17.68
CA ASN A 163 16.82 16.00 -18.11
C ASN A 163 15.62 16.87 -17.81
N LEU A 164 14.41 16.35 -18.03
CA LEU A 164 13.19 17.08 -17.68
C LEU A 164 13.18 17.47 -16.21
N LEU A 165 13.50 16.51 -15.32
CA LEU A 165 13.56 16.84 -13.91
C LEU A 165 14.68 17.82 -13.62
N SER A 166 15.84 17.61 -14.24
CA SER A 166 16.99 18.50 -14.02
C SER A 166 16.64 19.96 -14.26
N GLN A 167 15.73 20.25 -15.19
CA GLN A 167 15.37 21.62 -15.54
C GLN A 167 14.06 22.09 -14.93
N ASN A 168 13.35 21.23 -14.19
CA ASN A 168 12.08 21.60 -13.55
C ASN A 168 12.14 21.07 -12.11
N LYS A 169 12.69 21.86 -11.20
CA LYS A 169 12.89 21.41 -9.83
C LYS A 169 11.59 21.26 -9.05
N ASN A 170 10.44 21.53 -9.66
CA ASN A 170 9.16 21.36 -9.00
C ASN A 170 8.59 19.96 -9.15
N LEU A 171 9.21 19.13 -10.00
CA LEU A 171 8.75 17.77 -10.26
C LEU A 171 9.54 16.76 -9.43
N SER A 172 8.82 15.83 -8.79
CA SER A 172 9.44 14.69 -8.13
C SER A 172 9.81 13.61 -9.13
N PRO A 173 10.89 12.87 -8.89
CA PRO A 173 11.32 11.84 -9.83
C PRO A 173 10.40 10.63 -9.84
N GLN A 174 9.12 10.83 -10.14
CA GLN A 174 8.14 9.78 -10.16
C GLN A 174 7.22 9.97 -11.36
N PHE A 175 6.67 8.87 -11.85
CA PHE A 175 5.59 8.94 -12.82
C PHE A 175 4.73 7.72 -12.63
N SER A 176 3.45 7.85 -13.00
CA SER A 176 2.50 6.76 -12.86
C SER A 176 1.67 6.64 -14.14
N PHE A 177 1.01 5.50 -14.29
CA PHE A 177 0.23 5.19 -15.47
C PHE A 177 -1.15 4.70 -15.05
N TYR A 178 -2.19 5.40 -15.50
CA TYR A 178 -3.57 4.94 -15.38
C TYR A 178 -4.09 4.59 -16.77
N ILE A 179 -4.44 3.33 -16.98
CA ILE A 179 -4.85 2.84 -18.29
C ILE A 179 -6.33 2.46 -18.24
N SER A 180 -7.15 3.20 -18.97
CA SER A 180 -8.58 2.93 -19.10
C SER A 180 -9.04 3.24 -20.52
N PRO A 181 -8.72 2.36 -21.48
CA PRO A 181 -9.11 2.65 -22.87
C PRO A 181 -10.61 2.68 -23.10
N GLU A 182 -11.38 1.92 -22.32
CA GLU A 182 -12.83 1.84 -22.53
C GLU A 182 -13.48 3.21 -22.45
N ASP A 183 -13.20 3.97 -21.39
CA ASP A 183 -13.79 5.28 -21.17
C ASP A 183 -12.87 6.42 -21.62
N ASN A 184 -11.80 6.09 -22.34
CA ASN A 184 -10.83 7.06 -22.85
C ASN A 184 -10.47 8.10 -21.79
N THR A 185 -10.05 7.58 -20.63
CA THR A 185 -9.52 8.42 -19.55
C THR A 185 -8.10 8.02 -19.15
N SER A 186 -7.43 7.20 -19.96
CA SER A 186 -6.04 6.84 -19.69
C SER A 186 -5.21 8.10 -19.51
N THR A 187 -4.31 8.08 -18.53
CA THR A 187 -3.50 9.26 -18.21
C THR A 187 -2.06 8.85 -17.91
N PHE A 188 -1.12 9.73 -18.29
CA PHE A 188 0.28 9.61 -17.89
C PHE A 188 0.62 10.75 -16.92
N LEU A 189 1.03 10.40 -15.70
CA LEU A 189 1.31 11.40 -14.67
C LEU A 189 2.81 11.52 -14.44
N VAL A 190 3.31 12.75 -14.48
CA VAL A 190 4.72 13.01 -14.22
C VAL A 190 4.83 13.79 -12.92
N GLY A 191 5.59 13.22 -11.97
CA GLY A 191 5.88 13.87 -10.71
C GLY A 191 5.11 13.36 -9.52
N GLY A 192 4.31 12.32 -9.69
CA GLY A 192 3.55 11.77 -8.58
C GLY A 192 2.41 10.90 -9.07
N VAL A 193 1.34 10.88 -8.28
CA VAL A 193 0.20 10.00 -8.48
C VAL A 193 -1.09 10.79 -8.25
N SER A 194 -2.22 10.10 -8.38
CA SER A 194 -3.51 10.69 -8.10
C SER A 194 -4.37 9.63 -7.42
N LYS A 195 -4.86 9.95 -6.22
CA LYS A 195 -5.73 9.02 -5.50
C LYS A 195 -7.01 8.72 -6.26
N SER A 196 -7.33 9.50 -7.28
CA SER A 196 -8.54 9.24 -8.06
C SER A 196 -8.40 7.99 -8.91
N PHE A 197 -7.18 7.49 -9.11
CA PHE A 197 -6.90 6.42 -10.05
C PHE A 197 -6.72 5.06 -9.41
N TYR A 198 -6.59 4.99 -8.09
CA TYR A 198 -6.45 3.72 -7.41
C TYR A 198 -7.29 3.72 -6.14
N GLU A 199 -7.46 2.53 -5.58
CA GLU A 199 -8.07 2.35 -4.27
C GLU A 199 -7.24 1.35 -3.49
N GLY A 200 -7.51 1.27 -2.19
CA GLY A 200 -6.71 0.42 -1.35
C GLY A 200 -5.36 1.06 -1.10
N SER A 201 -4.40 0.22 -0.78
CA SER A 201 -3.04 0.66 -0.51
C SER A 201 -2.15 0.38 -1.71
N ILE A 202 -1.04 1.10 -1.75
CA ILE A 202 0.01 0.89 -2.73
C ILE A 202 1.11 0.06 -2.09
N TYR A 203 1.52 -1.00 -2.78
CA TYR A 203 2.63 -1.85 -2.33
C TYR A 203 3.83 -1.66 -3.25
N MET A 204 4.97 -1.34 -2.65
CA MET A 204 6.20 -1.05 -3.35
C MET A 204 6.98 -2.34 -3.56
N LEU A 205 7.61 -2.45 -4.73
CA LEU A 205 8.44 -3.59 -5.11
C LEU A 205 9.80 -3.07 -5.53
N PRO A 206 10.88 -3.49 -4.87
CA PRO A 206 12.20 -2.94 -5.21
C PRO A 206 12.70 -3.39 -6.58
N VAL A 207 13.35 -2.47 -7.27
CA VAL A 207 13.98 -2.73 -8.57
C VAL A 207 15.32 -3.42 -8.33
N VAL A 208 15.48 -4.61 -8.90
CA VAL A 208 16.71 -5.37 -8.68
C VAL A 208 17.85 -4.85 -9.56
N LYS A 209 17.55 -4.48 -10.80
CA LYS A 209 18.58 -4.01 -11.72
C LYS A 209 18.02 -2.84 -12.50
N GLU A 210 18.68 -1.68 -12.39
CA GLU A 210 18.22 -0.44 -13.02
C GLU A 210 18.58 -0.41 -14.51
N TYR A 211 17.90 -1.26 -15.27
CA TYR A 211 17.95 -1.26 -16.73
C TYR A 211 16.53 -1.08 -17.23
N TYR A 212 15.75 -2.15 -17.26
CA TYR A 212 14.29 -2.05 -17.28
C TYR A 212 13.79 -1.74 -15.87
N TRP A 213 12.49 -1.52 -15.74
CA TRP A 213 11.88 -1.47 -14.41
C TRP A 213 11.60 -2.91 -13.98
N GLU A 214 12.63 -3.54 -13.43
CA GLU A 214 12.66 -4.98 -13.19
C GLU A 214 12.70 -5.27 -11.69
N VAL A 215 11.80 -6.15 -11.24
CA VAL A 215 11.70 -6.56 -9.85
C VAL A 215 11.69 -8.08 -9.78
N GLU A 216 12.06 -8.61 -8.62
CA GLU A 216 12.05 -10.05 -8.42
C GLU A 216 10.64 -10.62 -8.55
N LEU A 217 10.57 -11.84 -9.06
CA LEU A 217 9.31 -12.56 -9.19
C LEU A 217 9.51 -13.96 -8.64
N ASP A 218 8.59 -14.40 -7.78
CA ASP A 218 8.73 -15.67 -7.07
C ASP A 218 7.84 -16.78 -7.59
N GLY A 219 6.96 -16.52 -8.54
CA GLY A 219 6.21 -17.60 -9.14
C GLY A 219 4.96 -17.11 -9.83
N ILE A 220 4.45 -17.95 -10.72
CA ILE A 220 3.23 -17.68 -11.48
C ILE A 220 2.38 -18.94 -11.47
N TYR A 221 1.08 -18.76 -11.33
CA TYR A 221 0.12 -19.86 -11.30
C TYR A 221 -1.01 -19.58 -12.27
N VAL A 222 -1.38 -20.60 -13.04
CA VAL A 222 -2.60 -20.61 -13.82
C VAL A 222 -3.50 -21.64 -13.16
N GLY A 223 -4.52 -21.17 -12.46
CA GLY A 223 -5.25 -22.08 -11.59
C GLY A 223 -4.29 -22.72 -10.60
N GLU A 224 -4.33 -24.04 -10.55
CA GLU A 224 -3.47 -24.80 -9.64
C GLU A 224 -2.10 -25.09 -10.21
N LYS A 225 -1.92 -24.93 -11.53
CA LYS A 225 -0.67 -25.29 -12.19
C LYS A 225 0.38 -24.21 -11.97
N LYS A 226 1.54 -24.64 -11.48
CA LYS A 226 2.67 -23.75 -11.28
C LYS A 226 3.46 -23.65 -12.59
N ILE A 227 3.48 -22.46 -13.18
CA ILE A 227 4.25 -22.25 -14.39
C ILE A 227 5.70 -21.94 -14.08
N CYS A 228 5.97 -21.36 -12.92
CA CYS A 228 7.29 -20.90 -12.53
C CYS A 228 7.27 -20.74 -11.02
N CYS A 229 8.44 -20.61 -10.40
CA CYS A 229 9.76 -20.50 -11.02
C CYS A 229 10.78 -21.49 -10.43
N GLU A 230 11.39 -22.33 -11.28
CA GLU A 230 12.43 -23.23 -10.79
C GLU A 230 13.77 -22.52 -10.62
N GLU A 231 13.95 -21.34 -11.20
CA GLU A 231 15.14 -20.52 -11.07
C GLU A 231 14.72 -19.10 -10.74
N LYS A 232 15.68 -18.29 -10.29
CA LYS A 232 15.40 -16.89 -9.95
C LYS A 232 14.88 -16.12 -11.16
N SER A 233 13.61 -15.73 -11.13
CA SER A 233 12.97 -15.04 -12.24
C SER A 233 12.64 -13.61 -11.85
N TYR A 234 12.25 -12.82 -12.85
CA TYR A 234 12.06 -11.39 -12.66
C TYR A 234 10.81 -10.92 -13.40
N ALA A 235 10.38 -9.71 -13.09
CA ALA A 235 9.23 -9.09 -13.72
C ALA A 235 9.60 -7.70 -14.20
N ILE A 236 9.15 -7.35 -15.40
CA ILE A 236 9.44 -6.06 -16.00
C ILE A 236 8.14 -5.36 -16.36
N PHE A 237 7.99 -4.11 -15.91
CA PHE A 237 6.77 -3.34 -16.18
C PHE A 237 7.04 -2.51 -17.43
N ASP A 238 6.45 -2.93 -18.55
CA ASP A 238 6.79 -2.41 -19.87
C ASP A 238 5.56 -1.84 -20.56
N THR A 239 5.45 -0.52 -20.60
CA THR A 239 4.30 0.08 -21.26
C THR A 239 4.37 0.00 -22.78
N GLY A 240 5.46 -0.51 -23.33
CA GLY A 240 5.61 -0.60 -24.77
C GLY A 240 4.92 -1.77 -25.43
N THR A 241 4.45 -2.74 -24.64
CA THR A 241 3.68 -3.87 -25.11
C THR A 241 2.33 -3.87 -24.41
N SER A 242 1.24 -3.97 -25.18
CA SER A 242 -0.06 -4.10 -24.54
C SER A 242 -0.28 -5.47 -23.92
N TYR A 243 0.55 -6.46 -24.30
CA TYR A 243 0.43 -7.83 -23.82
C TYR A 243 1.40 -8.12 -22.69
N ASN A 244 1.02 -9.07 -21.84
CA ASN A 244 1.98 -9.70 -20.95
C ASN A 244 2.83 -10.69 -21.75
N THR A 245 4.06 -10.88 -21.33
CA THR A 245 4.97 -11.75 -22.06
C THR A 245 5.37 -12.93 -21.19
N MET A 246 6.06 -13.88 -21.81
CA MET A 246 6.54 -15.07 -21.13
C MET A 246 7.66 -15.67 -21.96
N PRO A 247 8.66 -16.29 -21.32
CA PRO A 247 9.74 -16.92 -22.08
C PRO A 247 9.22 -18.07 -22.93
N SER A 248 10.02 -18.46 -23.92
CA SER A 248 9.66 -19.57 -24.80
C SER A 248 9.38 -20.85 -24.01
N ALA A 249 10.31 -21.22 -23.12
CA ALA A 249 10.11 -22.44 -22.34
C ALA A 249 8.74 -22.45 -21.67
N GLN A 250 8.34 -21.33 -21.06
CA GLN A 250 7.10 -21.30 -20.31
C GLN A 250 5.87 -21.00 -21.17
N MET A 251 6.07 -20.51 -22.39
CA MET A 251 4.94 -19.99 -23.16
C MET A 251 4.16 -21.12 -23.83
N LYS A 252 4.86 -22.14 -24.33
CA LYS A 252 4.18 -23.23 -25.02
C LYS A 252 3.19 -23.93 -24.10
N GLY A 253 3.48 -23.96 -22.79
CA GLY A 253 2.59 -24.60 -21.86
C GLY A 253 1.44 -23.70 -21.44
N PHE A 254 1.66 -22.39 -21.44
CA PHE A 254 0.61 -21.45 -21.10
C PHE A 254 -0.56 -21.59 -22.07
N PHE A 255 -0.32 -21.31 -23.36
CA PHE A 255 -1.38 -21.50 -24.36
C PHE A 255 -1.96 -22.90 -24.35
N ASP A 256 -1.21 -23.89 -23.86
CA ASP A 256 -1.77 -25.23 -23.79
C ASP A 256 -2.86 -25.33 -22.74
N VAL A 257 -2.77 -24.53 -21.66
CA VAL A 257 -3.81 -24.51 -20.64
C VAL A 257 -4.72 -23.29 -20.72
N VAL A 258 -4.33 -22.25 -21.45
CA VAL A 258 -5.16 -21.07 -21.66
C VAL A 258 -5.52 -20.98 -23.14
N PRO A 259 -6.56 -21.68 -23.58
CA PRO A 259 -6.91 -21.66 -25.00
C PRO A 259 -7.73 -20.43 -25.37
N SER A 260 -7.72 -20.12 -26.67
CA SER A 260 -8.63 -19.14 -27.22
C SER A 260 -10.05 -19.72 -27.31
N ALA A 261 -11.00 -18.85 -27.63
CA ALA A 261 -12.40 -19.26 -27.68
C ALA A 261 -13.16 -18.25 -28.51
N PRO A 262 -14.22 -18.67 -29.20
CA PRO A 262 -15.04 -17.71 -29.94
C PRO A 262 -15.87 -16.90 -28.96
N CYS A 263 -15.87 -15.58 -29.16
CA CYS A 263 -16.51 -14.65 -28.24
C CYS A 263 -17.21 -13.54 -29.01
N THR A 264 -18.21 -12.95 -28.37
CA THR A 264 -18.86 -11.75 -28.87
C THR A 264 -19.02 -10.77 -27.72
N GLU A 265 -19.40 -9.54 -28.06
CA GLU A 265 -19.53 -8.51 -27.04
C GLU A 265 -20.46 -8.94 -25.90
N GLU A 266 -21.48 -9.75 -26.19
CA GLU A 266 -22.43 -10.19 -25.17
C GLU A 266 -22.21 -11.63 -24.72
N ASN A 267 -21.34 -12.38 -25.38
CA ASN A 267 -21.17 -13.79 -25.07
C ASN A 267 -19.92 -14.09 -24.25
N TYR A 268 -18.92 -13.20 -24.27
CA TYR A 268 -17.67 -13.45 -23.55
C TYR A 268 -17.92 -13.75 -22.08
N GLN A 269 -18.93 -13.11 -21.49
CA GLN A 269 -19.19 -13.27 -20.07
C GLN A 269 -19.27 -14.75 -19.69
N GLU A 270 -20.01 -15.53 -20.48
CA GLU A 270 -20.22 -16.93 -20.12
C GLU A 270 -19.04 -17.79 -20.53
N VAL A 271 -18.53 -17.60 -21.75
CA VAL A 271 -17.44 -18.43 -22.25
C VAL A 271 -16.28 -18.41 -21.27
N LEU A 272 -16.02 -17.25 -20.68
CA LEU A 272 -14.83 -17.04 -19.86
C LEU A 272 -15.06 -17.35 -18.39
N LYS A 273 -16.26 -17.75 -18.00
CA LYS A 273 -16.54 -17.92 -16.57
C LYS A 273 -15.92 -19.19 -15.99
N ASN A 274 -15.17 -19.97 -16.78
CA ASN A 274 -14.48 -21.15 -16.26
C ASN A 274 -12.97 -21.09 -16.42
N TYR A 275 -12.43 -20.07 -17.08
CA TYR A 275 -10.99 -19.98 -17.28
C TYR A 275 -10.30 -19.86 -15.93
N PRO A 276 -9.01 -20.18 -15.89
CA PRO A 276 -8.27 -20.14 -14.63
C PRO A 276 -7.86 -18.72 -14.25
N VAL A 277 -7.43 -18.57 -13.00
CA VAL A 277 -6.95 -17.29 -12.49
C VAL A 277 -5.43 -17.33 -12.43
N ILE A 278 -4.80 -16.29 -12.98
CA ILE A 278 -3.34 -16.20 -12.99
C ILE A 278 -2.89 -15.46 -11.72
N LYS A 279 -1.97 -16.07 -10.98
CA LYS A 279 -1.46 -15.52 -9.74
C LYS A 279 0.01 -15.20 -9.95
N TYR A 280 0.35 -13.91 -9.92
CA TYR A 280 1.74 -13.46 -9.92
C TYR A 280 2.18 -13.26 -8.47
N LEU A 281 3.34 -13.79 -8.11
CA LEU A 281 3.82 -13.74 -6.74
C LEU A 281 5.03 -12.83 -6.67
N PHE A 282 4.92 -11.78 -5.86
CA PHE A 282 6.01 -10.81 -5.64
C PHE A 282 6.32 -10.78 -4.16
N GLY A 283 7.08 -11.75 -3.68
CA GLY A 283 7.31 -11.79 -2.25
C GLY A 283 5.99 -12.06 -1.54
N ASP A 284 5.68 -11.25 -0.53
CA ASP A 284 4.42 -11.41 0.20
C ASP A 284 3.21 -10.98 -0.62
N LEU A 285 3.40 -10.43 -1.81
CA LEU A 285 2.33 -9.83 -2.58
C LEU A 285 1.89 -10.79 -3.68
N VAL A 286 0.59 -10.99 -3.80
CA VAL A 286 0.02 -11.86 -4.83
C VAL A 286 -0.86 -11.00 -5.72
N ILE A 287 -0.60 -11.03 -7.02
CA ILE A 287 -1.42 -10.32 -7.99
C ILE A 287 -2.17 -11.35 -8.82
N GLU A 288 -3.50 -11.20 -8.87
CA GLU A 288 -4.36 -12.11 -9.61
C GLU A 288 -4.95 -11.41 -10.83
N LEU A 289 -5.01 -12.14 -11.93
CA LEU A 289 -5.67 -11.65 -13.14
C LEU A 289 -6.79 -12.62 -13.48
N LEU A 290 -7.99 -12.09 -13.69
CA LEU A 290 -9.15 -12.92 -13.99
C LEU A 290 -9.29 -13.12 -15.48
N PRO A 291 -9.95 -14.20 -15.90
CA PRO A 291 -10.13 -14.43 -17.34
C PRO A 291 -10.59 -13.21 -18.11
N GLU A 292 -11.62 -12.52 -17.63
CA GLU A 292 -12.07 -11.30 -18.28
C GLU A 292 -11.01 -10.19 -18.25
N GLU A 293 -9.95 -10.33 -17.47
CA GLU A 293 -8.92 -9.31 -17.39
C GLU A 293 -7.72 -9.58 -18.28
N TYR A 294 -7.36 -10.83 -18.49
CA TYR A 294 -6.22 -11.16 -19.34
C TYR A 294 -6.65 -11.69 -20.71
N MET A 295 -7.93 -11.78 -20.97
CA MET A 295 -8.44 -12.14 -22.29
C MET A 295 -8.97 -10.87 -22.96
N ILE A 296 -8.99 -10.89 -24.28
CA ILE A 296 -9.42 -9.73 -25.06
C ILE A 296 -10.18 -10.21 -26.29
N LEU A 297 -11.09 -9.37 -26.77
CA LEU A 297 -11.88 -9.72 -27.95
C LEU A 297 -11.07 -9.35 -29.17
N ASN A 298 -10.78 -10.34 -30.02
CA ASN A 298 -9.94 -10.12 -31.19
C ASN A 298 -10.54 -10.91 -32.35
N GLU A 299 -11.40 -10.26 -33.15
CA GLU A 299 -12.03 -10.88 -34.31
C GLU A 299 -12.80 -12.14 -33.92
N GLU A 300 -13.84 -11.91 -33.11
CA GLU A 300 -14.74 -12.98 -32.66
C GLU A 300 -13.98 -14.12 -32.00
N SER A 301 -12.93 -13.80 -31.23
CA SER A 301 -12.13 -14.79 -30.54
C SER A 301 -11.63 -14.21 -29.24
N CYS A 302 -11.78 -14.97 -28.15
CA CYS A 302 -11.19 -14.63 -26.87
C CYS A 302 -9.76 -15.14 -26.84
N ILE A 303 -8.79 -14.25 -26.68
CA ILE A 303 -7.42 -14.70 -26.80
C ILE A 303 -6.55 -14.27 -25.65
N PRO A 304 -5.88 -15.10 -25.02
CA PRO A 304 -5.05 -14.63 -23.89
C PRO A 304 -4.18 -13.44 -24.36
N ALA A 305 -4.28 -12.27 -23.73
CA ALA A 305 -3.41 -11.15 -24.16
C ALA A 305 -1.96 -11.37 -23.68
N TYR A 306 -1.33 -12.37 -24.28
CA TYR A 306 0.01 -12.81 -23.92
C TYR A 306 0.83 -13.06 -25.18
N MET A 307 2.14 -12.93 -25.05
CA MET A 307 3.01 -13.09 -26.20
C MET A 307 4.39 -13.48 -25.70
N GLN A 308 5.13 -14.16 -26.56
CA GLN A 308 6.43 -14.69 -26.18
C GLN A 308 7.51 -13.62 -26.32
N ILE A 309 8.31 -13.46 -25.28
CA ILE A 309 9.43 -12.54 -25.28
C ILE A 309 10.54 -13.12 -24.42
N ASP A 310 11.76 -13.15 -24.97
CA ASP A 310 12.95 -13.59 -24.24
C ASP A 310 13.85 -12.38 -24.05
N VAL A 311 13.96 -11.92 -22.82
CA VAL A 311 14.85 -10.81 -22.49
C VAL A 311 16.28 -11.37 -22.46
N PRO A 312 17.17 -10.89 -23.33
CA PRO A 312 18.50 -11.51 -23.43
C PRO A 312 19.26 -11.49 -22.11
N SER A 313 19.26 -10.34 -21.42
CA SER A 313 20.06 -10.21 -20.21
C SER A 313 19.60 -11.17 -19.11
N GLU A 314 18.30 -11.42 -18.99
CA GLU A 314 17.77 -12.21 -17.88
C GLU A 314 17.85 -13.71 -18.11
N LYS A 315 18.47 -14.14 -19.21
CA LYS A 315 18.60 -15.55 -19.53
C LYS A 315 17.21 -16.19 -19.65
N ASN A 316 16.31 -15.49 -20.34
CA ASN A 316 14.95 -15.98 -20.56
C ASN A 316 14.26 -16.35 -19.24
N HIS A 317 14.44 -15.50 -18.22
CA HIS A 317 13.77 -15.68 -16.93
C HIS A 317 12.98 -14.44 -16.53
N ALA A 318 12.69 -13.55 -17.46
CA ALA A 318 11.96 -12.32 -17.19
C ALA A 318 10.57 -12.38 -17.80
N TYR A 319 9.59 -11.90 -17.05
CA TYR A 319 8.20 -11.87 -17.51
C TYR A 319 7.75 -10.42 -17.51
N LEU A 320 7.08 -10.01 -18.58
CA LEU A 320 6.74 -8.61 -18.78
C LEU A 320 5.25 -8.39 -18.57
N LEU A 321 4.92 -7.21 -18.04
CA LEU A 321 3.55 -6.80 -17.75
C LEU A 321 3.20 -5.61 -18.63
N GLY A 322 2.20 -5.80 -19.50
CA GLY A 322 1.87 -4.82 -20.52
C GLY A 322 0.81 -3.84 -20.06
N SER A 323 0.34 -3.05 -21.02
CA SER A 323 -0.65 -2.02 -20.75
C SER A 323 -2.06 -2.58 -20.65
N ILE A 324 -2.39 -3.59 -21.44
CA ILE A 324 -3.76 -4.09 -21.49
C ILE A 324 -3.97 -5.25 -20.51
N ALA A 325 -3.02 -6.17 -20.44
CA ALA A 325 -3.18 -7.36 -19.61
C ALA A 325 -2.88 -7.10 -18.15
N PHE A 326 -2.34 -5.94 -17.80
CA PHE A 326 -1.97 -5.69 -16.42
C PHE A 326 -2.30 -4.28 -15.97
N MET A 327 -1.67 -3.28 -16.59
CA MET A 327 -1.81 -1.91 -16.10
C MET A 327 -3.26 -1.42 -16.17
N ARG A 328 -4.07 -2.00 -17.06
CA ARG A 328 -5.49 -1.64 -17.11
C ARG A 328 -6.18 -1.95 -15.79
N HIS A 329 -5.70 -2.96 -15.06
CA HIS A 329 -6.29 -3.37 -13.79
C HIS A 329 -5.50 -2.96 -12.57
N TYR A 330 -4.21 -2.69 -12.71
CA TYR A 330 -3.33 -2.37 -11.59
C TYR A 330 -2.66 -1.03 -11.87
N TYR A 331 -3.01 -0.02 -11.08
CA TYR A 331 -2.33 1.26 -11.14
C TYR A 331 -0.86 1.06 -10.79
N THR A 332 0.03 1.73 -11.51
CA THR A 332 1.47 1.53 -11.38
C THR A 332 2.16 2.87 -11.19
N VAL A 333 2.97 2.97 -10.14
CA VAL A 333 3.80 4.15 -9.87
C VAL A 333 5.25 3.75 -10.06
N PHE A 334 6.02 4.63 -10.68
CA PHE A 334 7.44 4.38 -10.92
C PHE A 334 8.24 5.45 -10.19
N VAL A 335 9.03 5.03 -9.20
CA VAL A 335 9.79 5.94 -8.35
C VAL A 335 11.27 5.67 -8.57
N ARG A 336 11.99 6.64 -9.13
CA ARG A 336 13.42 6.49 -9.37
C ARG A 336 14.20 6.86 -8.12
N GLY A 337 15.09 5.97 -7.67
CA GLY A 337 15.82 6.19 -6.44
C GLY A 337 17.26 6.67 -6.64
N ALA A 338 17.82 7.29 -5.59
CA ALA A 338 19.18 7.82 -5.60
C ALA A 338 20.09 7.07 -4.63
N GLY A 339 21.33 6.84 -5.07
CA GLY A 339 22.37 6.26 -4.23
C GLY A 339 21.97 4.99 -3.50
N GLY A 340 22.05 5.05 -2.17
CA GLY A 340 21.71 3.89 -1.36
C GLY A 340 20.25 3.49 -1.44
N GLN A 341 19.39 4.40 -1.86
CA GLN A 341 17.96 4.12 -1.97
C GLN A 341 17.64 3.57 -3.35
N PRO A 342 17.07 2.37 -3.44
CA PRO A 342 16.73 1.78 -4.74
C PRO A 342 15.46 2.38 -5.34
N SER A 343 15.34 2.23 -6.64
CA SER A 343 14.13 2.65 -7.34
C SER A 343 13.08 1.57 -7.17
N MET A 344 11.80 1.97 -7.20
CA MET A 344 10.75 1.03 -6.88
C MET A 344 9.57 1.19 -7.83
N VAL A 345 8.85 0.09 -8.00
CA VAL A 345 7.60 0.05 -8.75
C VAL A 345 6.47 -0.18 -7.75
N GLY A 346 5.51 0.74 -7.73
CA GLY A 346 4.36 0.66 -6.83
C GLY A 346 3.13 0.18 -7.57
N VAL A 347 2.37 -0.71 -6.94
CA VAL A 347 1.22 -1.34 -7.57
C VAL A 347 0.01 -1.22 -6.66
N ALA A 348 -1.12 -0.83 -7.23
CA ALA A 348 -2.36 -0.66 -6.48
C ALA A 348 -3.52 -1.01 -7.40
N LYS A 349 -4.65 -1.40 -6.79
CA LYS A 349 -5.82 -1.77 -7.57
C LYS A 349 -6.38 -0.55 -8.28
N ALA A 350 -6.52 -0.64 -9.60
CA ALA A 350 -7.04 0.50 -10.35
C ALA A 350 -8.50 0.75 -10.04
N ARG A 351 -8.82 2.02 -9.76
CA ARG A 351 -10.20 2.47 -9.52
C ARG A 351 -10.91 2.68 -10.84
N ALA A 352 -11.86 1.81 -11.16
CA ALA A 352 -12.43 1.81 -12.50
C ALA A 352 -13.44 2.93 -12.71
N ALA A 353 -14.04 3.44 -11.65
CA ALA A 353 -15.01 4.52 -11.78
C ALA A 353 -14.36 5.89 -11.78
N ALA A 354 -13.03 5.95 -11.75
CA ALA A 354 -12.34 7.23 -11.86
C ALA A 354 -12.65 7.91 -13.19
N GLU A 355 -12.81 9.23 -13.14
CA GLU A 355 -13.06 10.04 -14.33
C GLU A 355 -11.91 11.02 -14.58
N ALA A 356 -11.62 11.89 -13.62
CA ALA A 356 -10.54 12.87 -13.73
C ALA A 356 -9.52 12.64 -12.61
N ALA A 357 -8.60 13.59 -12.47
CA ALA A 357 -7.58 13.54 -11.42
C ALA A 357 -7.73 14.79 -10.56
N GLN A 358 -8.64 14.71 -9.59
CA GLN A 358 -9.02 15.89 -8.81
C GLN A 358 -7.83 16.48 -8.10
N LYS A 359 -7.25 15.72 -7.17
CA LYS A 359 -6.05 16.14 -6.47
C LYS A 359 -4.94 15.13 -6.70
N VAL A 360 -3.70 15.60 -6.61
CA VAL A 360 -2.53 14.78 -6.90
C VAL A 360 -1.64 14.73 -5.66
N ALA A 361 -0.63 13.85 -5.70
CA ALA A 361 0.28 13.66 -4.58
C ALA A 361 1.51 12.92 -5.09
N GLU A 362 2.52 12.82 -4.22
CA GLU A 362 3.75 12.08 -4.52
C GLU A 362 4.04 11.11 -3.38
N LEU A 363 5.02 10.24 -3.61
CA LEU A 363 5.42 9.24 -2.63
C LEU A 363 6.69 9.68 -1.92
N GLU A 364 6.71 9.49 -0.60
CA GLU A 364 7.74 10.05 0.26
C GLU A 364 7.93 11.52 -0.03
N HIS B 7 7.51 -1.72 2.46
CA HIS B 7 6.90 -2.50 1.40
C HIS B 7 5.50 -1.97 1.06
N ALA B 8 4.88 -1.25 1.99
CA ALA B 8 3.60 -0.60 1.78
C ALA B 8 3.76 0.92 1.89
N VAL B 9 2.84 1.63 1.26
CA VAL B 9 2.85 3.09 1.22
C VAL B 9 1.76 3.59 2.15
N VAL B 10 2.16 4.23 3.25
CA VAL B 10 1.19 4.71 4.21
C VAL B 10 0.57 6.00 3.69
N GLU B 11 -0.73 6.13 3.88
CA GLU B 11 -1.43 7.33 3.44
C GLU B 11 -1.09 8.49 4.38
N GLN B 12 -0.95 9.67 3.81
CA GLN B 12 -0.64 10.84 4.62
C GLN B 12 -1.26 12.12 4.08
N THR B 13 -2.15 12.05 3.10
CA THR B 13 -2.79 13.27 2.61
C THR B 13 -3.74 13.79 3.68
N GLU B 14 -3.64 15.09 3.95
CA GLU B 14 -4.33 15.68 5.09
C GLU B 14 -5.84 15.76 4.89
N GLU B 15 -6.35 15.34 3.74
CA GLU B 15 -7.79 15.33 3.51
C GLU B 15 -8.39 13.94 3.53
N ASN B 16 -7.58 12.89 3.54
CA ASN B 16 -8.05 11.52 3.58
C ASN B 16 -7.76 10.83 4.91
N VAL B 17 -7.25 11.57 5.89
CA VAL B 17 -6.93 11.00 7.20
C VAL B 17 -7.73 11.76 8.25
N PHE B 18 -8.59 11.04 8.96
CA PHE B 18 -9.50 11.59 9.95
C PHE B 18 -9.03 11.23 11.36
N LEU B 19 -9.25 12.17 12.29
CA LEU B 19 -8.73 12.08 13.65
C LEU B 19 -9.84 11.70 14.62
N ILE B 20 -9.56 10.77 15.52
CA ILE B 20 -10.46 10.42 16.61
C ILE B 20 -9.74 10.69 17.92
N PRO B 21 -9.94 11.85 18.54
CA PRO B 21 -9.30 12.12 19.83
C PRO B 21 -9.67 11.07 20.87
N LEU B 22 -8.66 10.60 21.61
CA LEU B 22 -8.82 9.61 22.66
C LEU B 22 -8.45 10.25 24.00
N LYS B 23 -9.42 10.33 24.91
CA LYS B 23 -9.16 10.80 26.26
C LYS B 23 -8.70 9.65 27.13
N HIS B 24 -7.67 9.90 27.94
CA HIS B 24 -7.13 8.91 28.86
C HIS B 24 -7.76 9.15 30.23
N LEU B 25 -8.76 8.34 30.57
CA LEU B 25 -9.44 8.50 31.84
C LEU B 25 -8.54 8.08 33.00
N ARG B 26 -8.92 8.52 34.20
CA ARG B 26 -8.18 8.15 35.40
C ARG B 26 -8.28 6.66 35.73
N ASP B 27 -9.20 5.94 35.11
CA ASP B 27 -9.29 4.49 35.27
C ASP B 27 -8.41 3.74 34.27
N SER B 28 -7.39 4.40 33.72
CA SER B 28 -6.44 3.78 32.78
C SER B 28 -7.09 3.39 31.46
N GLN B 29 -8.07 4.15 31.00
CA GLN B 29 -8.81 3.85 29.79
C GLN B 29 -8.54 4.91 28.74
N PHE B 30 -8.32 4.49 27.50
CA PHE B 30 -8.26 5.41 26.37
C PHE B 30 -9.59 5.29 25.62
N VAL B 31 -10.47 6.26 25.81
CA VAL B 31 -11.83 6.18 25.28
C VAL B 31 -12.01 7.23 24.20
N GLY B 32 -12.61 6.84 23.09
CA GLY B 32 -12.98 7.75 22.02
C GLY B 32 -14.45 8.07 22.04
N THR B 33 -14.97 8.46 20.87
CA THR B 33 -16.38 8.75 20.71
C THR B 33 -16.96 7.89 19.59
N LEU B 34 -18.12 7.29 19.85
CA LEU B 34 -18.83 6.48 18.87
C LEU B 34 -20.32 6.81 18.96
N LEU B 35 -20.98 6.95 17.81
CA LEU B 35 -22.41 7.26 17.75
C LEU B 35 -23.16 5.99 17.37
N VAL B 36 -24.10 5.59 18.23
CA VAL B 36 -24.86 4.36 18.07
C VAL B 36 -26.32 4.69 17.81
N GLY B 37 -26.89 4.06 16.79
CA GLY B 37 -28.32 4.14 16.57
C GLY B 37 -28.77 5.43 15.90
N VAL B 38 -30.10 5.59 15.88
CA VAL B 38 -30.78 6.72 15.24
C VAL B 38 -32.07 7.00 16.00
N PRO B 39 -32.23 8.17 16.65
CA PRO B 39 -31.23 9.23 16.76
C PRO B 39 -29.95 8.73 17.42
N PRO B 40 -28.83 9.38 17.13
CA PRO B 40 -27.54 8.88 17.64
C PRO B 40 -27.51 8.93 19.16
N GLN B 41 -27.03 7.84 19.75
CA GLN B 41 -26.66 7.79 21.15
C GLN B 41 -25.14 7.71 21.24
N GLU B 42 -24.55 8.56 22.08
CA GLU B 42 -23.10 8.67 22.17
C GLU B 42 -22.58 7.73 23.27
N ILE B 43 -21.58 6.92 22.91
CA ILE B 43 -20.85 6.11 23.88
C ILE B 43 -19.37 6.44 23.75
N HIS B 44 -18.59 6.02 24.75
CA HIS B 44 -17.16 6.29 24.82
C HIS B 44 -16.41 4.96 24.96
N PRO B 45 -16.23 4.24 23.87
CA PRO B 45 -15.59 2.92 23.94
C PRO B 45 -14.08 3.04 23.90
N ILE B 46 -13.42 1.91 24.10
CA ILE B 46 -12.00 1.82 23.89
C ILE B 46 -11.77 1.21 22.51
N PHE B 47 -10.59 1.46 21.96
CA PHE B 47 -10.18 0.93 20.67
C PHE B 47 -9.13 -0.12 20.89
N ASP B 48 -9.39 -1.33 20.39
CA ASP B 48 -8.65 -2.52 20.79
C ASP B 48 -8.12 -3.24 19.56
N THR B 49 -6.80 -3.32 19.43
CA THR B 49 -6.17 -4.09 18.37
C THR B 49 -5.98 -5.57 18.74
N GLY B 50 -6.49 -5.99 19.90
CA GLY B 50 -6.35 -7.36 20.37
C GLY B 50 -7.68 -8.09 20.42
N SER B 51 -8.68 -7.54 19.74
CA SER B 51 -9.98 -8.18 19.61
C SER B 51 -10.71 -7.46 18.48
N THR B 52 -11.70 -8.15 17.91
CA THR B 52 -12.43 -7.60 16.79
C THR B 52 -13.94 -7.50 17.02
N ASN B 53 -14.46 -8.08 18.10
CA ASN B 53 -15.86 -7.85 18.41
C ASN B 53 -16.09 -6.40 18.81
N LEU B 54 -17.18 -5.84 18.33
CA LEU B 54 -17.62 -4.50 18.70
C LEU B 54 -18.65 -4.64 19.83
N TRP B 55 -18.31 -4.15 21.02
CA TRP B 55 -19.16 -4.29 22.19
C TRP B 55 -19.72 -2.94 22.62
N VAL B 56 -20.99 -2.94 23.02
CA VAL B 56 -21.65 -1.76 23.57
C VAL B 56 -22.36 -2.14 24.86
N VAL B 57 -22.28 -1.28 25.85
CA VAL B 57 -22.97 -1.46 27.12
C VAL B 57 -24.38 -0.91 26.98
N THR B 58 -25.37 -1.70 27.38
CA THR B 58 -26.77 -1.42 27.10
C THR B 58 -27.58 -1.34 28.39
N THR B 59 -28.75 -0.71 28.30
CA THR B 59 -29.67 -0.63 29.44
C THR B 59 -30.24 -1.98 29.85
N ASP B 60 -30.01 -3.05 29.06
CA ASP B 60 -30.41 -4.39 29.48
C ASP B 60 -29.59 -4.90 30.66
N CYS B 61 -28.51 -4.21 31.00
CA CYS B 61 -27.65 -4.58 32.11
C CYS B 61 -27.87 -3.56 33.23
N GLU B 62 -28.59 -3.97 34.27
CA GLU B 62 -28.86 -3.08 35.40
C GLU B 62 -27.91 -3.30 36.58
N GLU B 63 -26.79 -3.99 36.34
CA GLU B 63 -25.81 -4.22 37.39
C GLU B 63 -25.18 -2.89 37.82
N GLU B 64 -24.62 -2.88 39.03
CA GLU B 64 -24.10 -1.65 39.60
C GLU B 64 -23.10 -0.97 38.68
N SER B 65 -22.23 -1.75 38.03
CA SER B 65 -21.20 -1.18 37.19
C SER B 65 -21.74 -0.75 35.82
N CYS B 66 -22.88 -1.29 35.38
CA CYS B 66 -23.50 -0.81 34.16
C CYS B 66 -24.27 0.48 34.40
N LYS B 67 -25.06 0.53 35.47
CA LYS B 67 -25.92 1.67 35.71
C LYS B 67 -25.15 2.96 35.97
N LYS B 68 -23.86 2.85 36.28
CA LYS B 68 -23.05 4.04 36.56
C LYS B 68 -22.60 4.77 35.30
N VAL B 69 -22.85 4.21 34.12
CA VAL B 69 -22.40 4.80 32.87
C VAL B 69 -23.62 5.17 32.03
N LYS B 70 -23.35 5.91 30.94
CA LYS B 70 -24.40 6.31 30.00
C LYS B 70 -24.65 5.11 29.08
N ARG B 71 -25.62 4.29 29.48
CA ARG B 71 -25.95 3.09 28.75
C ARG B 71 -26.63 3.41 27.42
N TYR B 72 -26.47 2.50 26.47
CA TYR B 72 -27.14 2.59 25.18
C TYR B 72 -28.49 1.91 25.28
N ASN B 73 -29.57 2.67 25.05
CA ASN B 73 -30.92 2.13 25.13
C ASN B 73 -31.37 1.66 23.74
N PRO B 74 -31.28 0.35 23.45
CA PRO B 74 -31.63 -0.11 22.10
C PRO B 74 -33.10 0.09 21.77
N TYR B 75 -33.97 0.17 22.77
CA TYR B 75 -35.37 0.36 22.49
C TYR B 75 -35.71 1.78 22.07
N LYS B 76 -34.82 2.74 22.30
CA LYS B 76 -35.03 4.09 21.79
C LYS B 76 -34.42 4.31 20.42
N SER B 77 -33.63 3.37 19.92
CA SER B 77 -33.00 3.48 18.61
C SER B 77 -33.90 2.88 17.54
N LYS B 78 -34.09 3.60 16.45
CA LYS B 78 -34.98 3.16 15.39
C LYS B 78 -34.27 2.29 14.34
N THR B 79 -32.98 2.03 14.51
CA THR B 79 -32.25 1.14 13.62
C THR B 79 -31.85 -0.17 14.25
N PHE B 80 -32.06 -0.36 15.54
CA PHE B 80 -31.63 -1.58 16.22
C PHE B 80 -32.39 -2.80 15.69
N ARG B 81 -31.69 -3.92 15.68
CA ARG B 81 -32.24 -5.19 15.22
C ARG B 81 -31.59 -6.27 16.06
N ARG B 82 -32.39 -7.02 16.82
CA ARG B 82 -31.85 -8.16 17.53
C ARG B 82 -31.44 -9.22 16.50
N SER B 83 -30.25 -9.80 16.68
CA SER B 83 -29.70 -10.84 15.82
C SER B 83 -29.54 -12.12 16.63
N PHE B 84 -29.68 -13.25 15.93
CA PHE B 84 -29.61 -14.58 16.54
C PHE B 84 -30.38 -14.62 17.87
N ILE B 85 -31.66 -14.20 17.80
CA ILE B 85 -32.51 -14.14 18.99
C ILE B 85 -32.50 -15.47 19.70
N GLY B 86 -32.06 -15.47 20.95
CA GLY B 86 -32.01 -16.68 21.74
C GLY B 86 -30.63 -17.26 21.91
N LYS B 87 -29.60 -16.59 21.42
CA LYS B 87 -28.22 -17.06 21.56
C LYS B 87 -27.40 -16.00 22.28
N ASN B 88 -26.85 -16.36 23.43
CA ASN B 88 -25.98 -15.50 24.22
C ASN B 88 -24.54 -15.64 23.77
N LEU B 89 -23.70 -14.71 24.23
CA LEU B 89 -22.31 -14.59 23.81
C LEU B 89 -21.50 -14.21 25.04
N HIS B 90 -20.53 -15.06 25.40
CA HIS B 90 -19.80 -14.95 26.66
C HIS B 90 -18.32 -14.92 26.36
N ILE B 91 -17.65 -13.86 26.82
CA ILE B 91 -16.22 -13.67 26.60
C ILE B 91 -15.55 -13.52 27.95
N VAL B 92 -14.55 -14.35 28.22
CA VAL B 92 -13.83 -14.33 29.49
C VAL B 92 -12.36 -14.06 29.21
N PHE B 93 -11.80 -13.08 29.91
CA PHE B 93 -10.39 -12.75 29.78
C PHE B 93 -9.75 -12.68 31.16
N GLY B 94 -8.60 -12.03 31.23
CA GLY B 94 -7.79 -12.10 32.44
C GLY B 94 -8.32 -11.28 33.59
N SER B 95 -8.98 -10.16 33.30
CA SER B 95 -9.44 -9.23 34.33
C SER B 95 -10.96 -9.12 34.41
N GLY B 96 -11.70 -10.05 33.81
CA GLY B 96 -13.14 -10.02 33.92
C GLY B 96 -13.78 -10.86 32.83
N SER B 97 -15.11 -10.77 32.78
CA SER B 97 -15.89 -11.46 31.77
C SER B 97 -16.95 -10.51 31.25
N ILE B 98 -17.45 -10.81 30.06
CA ILE B 98 -18.46 -9.99 29.41
C ILE B 98 -19.46 -10.91 28.73
N SER B 99 -20.75 -10.71 28.99
CA SER B 99 -21.82 -11.51 28.44
C SER B 99 -22.86 -10.60 27.82
N GLY B 100 -23.51 -11.08 26.76
CA GLY B 100 -24.56 -10.27 26.17
C GLY B 100 -25.20 -10.98 25.00
N SER B 101 -26.09 -10.24 24.34
CA SER B 101 -26.79 -10.72 23.15
C SER B 101 -26.19 -10.08 21.91
N ILE B 102 -26.58 -10.62 20.76
CA ILE B 102 -26.09 -10.16 19.46
C ILE B 102 -27.15 -9.31 18.79
N GLY B 103 -26.72 -8.31 18.04
CA GLY B 103 -27.64 -7.45 17.31
C GLY B 103 -26.95 -6.72 16.17
N LYS B 104 -27.75 -6.01 15.37
CA LYS B 104 -27.25 -5.19 14.29
C LYS B 104 -27.68 -3.73 14.47
N GLU B 105 -26.79 -2.80 14.17
CA GLU B 105 -27.03 -1.40 14.41
C GLU B 105 -26.23 -0.56 13.43
N THR B 106 -26.62 0.71 13.32
CA THR B 106 -25.89 1.69 12.53
C THR B 106 -24.95 2.48 13.43
N PHE B 107 -23.72 2.68 12.96
CA PHE B 107 -22.71 3.37 13.76
C PHE B 107 -22.17 4.58 13.00
N VAL B 108 -21.70 5.56 13.77
CA VAL B 108 -21.00 6.73 13.23
C VAL B 108 -19.68 6.86 13.96
N LEU B 109 -18.57 6.85 13.21
CA LEU B 109 -17.24 7.01 13.76
C LEU B 109 -16.61 8.22 13.09
N GLY B 110 -16.45 9.31 13.84
CA GLY B 110 -16.01 10.55 13.26
C GLY B 110 -17.03 11.11 12.29
N ASP B 111 -16.75 11.06 10.99
CA ASP B 111 -17.67 11.52 9.96
C ASP B 111 -18.07 10.41 9.01
N HIS B 112 -17.85 9.15 9.39
CA HIS B 112 -18.15 8.01 8.55
C HIS B 112 -19.26 7.17 9.16
N THR B 113 -20.23 6.78 8.34
CA THR B 113 -21.39 6.00 8.77
C THR B 113 -21.22 4.54 8.35
N VAL B 114 -21.65 3.63 9.23
CA VAL B 114 -21.63 2.21 8.97
C VAL B 114 -23.02 1.64 9.24
N ARG B 115 -23.56 0.89 8.27
CA ARG B 115 -24.89 0.34 8.36
C ARG B 115 -24.84 -1.20 8.43
N ASN B 116 -25.92 -1.79 8.97
CA ASN B 116 -26.04 -3.24 9.05
C ASN B 116 -24.86 -3.85 9.79
N GLN B 117 -24.39 -3.15 10.82
CA GLN B 117 -23.18 -3.54 11.55
C GLN B 117 -23.52 -4.47 12.71
N THR B 118 -23.03 -5.70 12.66
CA THR B 118 -23.17 -6.64 13.76
C THR B 118 -22.41 -6.16 15.00
N PHE B 119 -23.01 -6.33 16.18
CA PHE B 119 -22.37 -5.94 17.42
C PHE B 119 -23.01 -6.67 18.60
N GLY B 120 -22.27 -6.72 19.70
CA GLY B 120 -22.74 -7.37 20.91
C GLY B 120 -23.25 -6.36 21.92
N LEU B 121 -24.45 -6.65 22.46
CA LEU B 121 -25.04 -5.84 23.53
C LEU B 121 -24.65 -6.43 24.87
N VAL B 122 -23.89 -5.66 25.66
CA VAL B 122 -23.45 -6.15 26.96
C VAL B 122 -24.66 -6.24 27.89
N GLU B 123 -24.92 -7.45 28.39
CA GLU B 123 -25.98 -7.66 29.38
C GLU B 123 -25.45 -8.07 30.75
N SER B 124 -24.27 -8.69 30.82
CA SER B 124 -23.70 -9.12 32.09
C SER B 124 -22.20 -8.89 32.10
N GLU B 125 -21.66 -8.65 33.28
CA GLU B 125 -20.23 -8.51 33.50
C GLU B 125 -19.83 -9.30 34.74
N SER B 126 -20.36 -10.51 34.85
CA SER B 126 -20.28 -11.33 36.05
C SER B 126 -19.66 -12.70 35.72
N ASN B 127 -18.61 -13.05 36.44
CA ASN B 127 -18.00 -14.37 36.26
C ASN B 127 -18.95 -15.48 36.71
N ASN B 134 -13.96 -8.24 39.95
CA ASN B 134 -14.04 -7.88 38.53
C ASN B 134 -13.56 -6.46 38.30
N ILE B 135 -12.99 -6.20 37.12
CA ILE B 135 -12.41 -4.89 36.87
C ILE B 135 -13.45 -3.88 36.43
N PHE B 136 -14.57 -4.32 35.88
CA PHE B 136 -15.60 -3.36 35.53
C PHE B 136 -16.16 -2.63 36.75
N ASP B 137 -15.77 -3.05 37.96
CA ASP B 137 -16.10 -2.28 39.16
C ASP B 137 -15.12 -1.14 39.39
N TYR B 138 -13.97 -1.16 38.73
CA TYR B 138 -12.93 -0.15 38.90
C TYR B 138 -12.73 0.70 37.65
N ILE B 139 -13.61 0.59 36.66
CA ILE B 139 -13.56 1.40 35.44
C ILE B 139 -14.98 1.70 35.00
N ASP B 140 -15.12 2.77 34.23
CA ASP B 140 -16.41 3.14 33.65
C ASP B 140 -16.42 2.66 32.19
N PHE B 141 -16.71 1.37 32.04
CA PHE B 141 -16.64 0.73 30.74
C PHE B 141 -17.92 0.99 29.96
N GLU B 142 -17.77 1.42 28.70
CA GLU B 142 -18.92 1.68 27.84
C GLU B 142 -18.92 0.90 26.53
N GLY B 143 -17.80 0.30 26.14
CA GLY B 143 -17.79 -0.52 24.94
C GLY B 143 -16.40 -0.71 24.41
N ILE B 144 -16.30 -1.59 23.42
CA ILE B 144 -15.05 -1.92 22.76
C ILE B 144 -15.26 -1.81 21.26
N VAL B 145 -14.37 -1.10 20.59
CA VAL B 145 -14.29 -1.10 19.14
C VAL B 145 -13.14 -2.03 18.77
N GLY B 146 -13.47 -3.20 18.23
CA GLY B 146 -12.46 -4.17 17.89
C GLY B 146 -11.74 -3.83 16.59
N LEU B 147 -10.42 -3.90 16.60
CA LEU B 147 -9.63 -3.61 15.41
C LEU B 147 -8.75 -4.77 14.97
N GLY B 148 -8.92 -5.95 15.56
CA GLY B 148 -8.23 -7.13 15.06
C GLY B 148 -8.85 -7.59 13.75
N PHE B 149 -8.48 -8.82 13.36
CA PHE B 149 -8.93 -9.39 12.09
C PHE B 149 -10.23 -10.16 12.25
N PRO B 150 -10.96 -10.37 11.15
CA PRO B 150 -12.31 -10.97 11.26
C PRO B 150 -12.33 -12.36 11.86
N GLU B 151 -11.26 -13.14 11.69
CA GLU B 151 -11.22 -14.49 12.27
C GLU B 151 -11.43 -14.46 13.77
N MET B 152 -11.17 -13.34 14.42
CA MET B 152 -11.31 -13.22 15.86
C MET B 152 -12.74 -12.84 16.29
N LEU B 153 -13.65 -12.66 15.33
CA LEU B 153 -15.04 -12.34 15.67
C LEU B 153 -15.68 -13.52 16.40
N SER B 154 -16.08 -13.29 17.66
CA SER B 154 -16.84 -14.29 18.39
C SER B 154 -18.21 -14.50 17.78
N ALA B 155 -18.68 -13.56 16.97
CA ALA B 155 -19.99 -13.59 16.33
C ALA B 155 -20.07 -12.43 15.35
N GLY B 156 -20.77 -12.64 14.26
CA GLY B 156 -20.86 -11.64 13.21
C GLY B 156 -20.18 -12.10 11.93
N LYS B 157 -20.59 -11.48 10.82
CA LYS B 157 -20.07 -11.86 9.52
C LYS B 157 -19.00 -10.92 9.00
N VAL B 158 -18.85 -9.73 9.59
CA VAL B 158 -17.94 -8.71 9.06
C VAL B 158 -17.37 -7.91 10.24
N SER B 159 -16.05 -7.73 10.25
CA SER B 159 -15.43 -6.87 11.23
C SER B 159 -15.89 -5.43 11.04
N PHE B 160 -16.00 -4.69 12.14
CA PHE B 160 -16.45 -3.32 12.07
C PHE B 160 -15.54 -2.46 11.19
N PHE B 161 -14.23 -2.73 11.20
CA PHE B 161 -13.33 -1.93 10.38
C PHE B 161 -13.45 -2.31 8.91
N ASP B 162 -13.40 -3.61 8.59
CA ASP B 162 -13.58 -4.06 7.21
C ASP B 162 -14.86 -3.50 6.63
N ASN B 163 -15.93 -3.46 7.44
CA ASN B 163 -17.22 -2.99 6.96
C ASN B 163 -17.23 -1.47 6.81
N LEU B 164 -16.58 -0.75 7.74
CA LEU B 164 -16.42 0.70 7.58
C LEU B 164 -15.70 1.02 6.27
N LEU B 165 -14.61 0.31 5.99
CA LEU B 165 -13.91 0.51 4.74
C LEU B 165 -14.80 0.11 3.57
N SER B 166 -15.45 -1.05 3.68
CA SER B 166 -16.33 -1.54 2.62
C SER B 166 -17.34 -0.47 2.19
N GLN B 167 -17.79 0.36 3.13
CA GLN B 167 -18.80 1.36 2.85
C GLN B 167 -18.23 2.76 2.64
N ASN B 168 -16.90 2.92 2.74
CA ASN B 168 -16.25 4.21 2.53
C ASN B 168 -15.09 3.94 1.59
N LYS B 169 -15.38 3.94 0.28
CA LYS B 169 -14.41 3.52 -0.71
C LYS B 169 -13.26 4.51 -0.87
N ASN B 170 -13.33 5.66 -0.21
CA ASN B 170 -12.27 6.66 -0.31
C ASN B 170 -11.23 6.55 0.79
N LEU B 171 -11.41 5.65 1.75
CA LEU B 171 -10.47 5.48 2.84
C LEU B 171 -9.46 4.40 2.49
N SER B 172 -8.20 4.68 2.76
CA SER B 172 -7.23 3.61 2.64
C SER B 172 -7.30 2.69 3.86
N PRO B 173 -7.03 1.40 3.68
CA PRO B 173 -7.19 0.45 4.80
C PRO B 173 -6.14 0.62 5.87
N GLN B 174 -6.02 1.80 6.46
CA GLN B 174 -5.00 2.02 7.47
C GLN B 174 -5.57 2.82 8.63
N PHE B 175 -5.02 2.56 9.82
CA PHE B 175 -5.26 3.37 11.00
C PHE B 175 -4.02 3.34 11.86
N SER B 176 -3.83 4.41 12.64
CA SER B 176 -2.66 4.51 13.53
C SER B 176 -3.10 5.05 14.88
N PHE B 177 -2.20 4.91 15.86
CA PHE B 177 -2.45 5.28 17.25
C PHE B 177 -1.34 6.19 17.73
N TYR B 178 -1.71 7.37 18.22
CA TYR B 178 -0.80 8.26 18.92
C TYR B 178 -1.21 8.30 20.39
N ILE B 179 -0.29 7.92 21.27
CA ILE B 179 -0.55 7.80 22.70
C ILE B 179 0.26 8.87 23.41
N SER B 180 -0.44 9.82 24.01
CA SER B 180 0.19 10.91 24.76
C SER B 180 -0.63 11.17 26.01
N PRO B 181 -0.48 10.32 27.03
CA PRO B 181 -1.24 10.52 28.27
C PRO B 181 -0.88 11.81 29.01
N GLU B 182 0.36 12.29 28.85
CA GLU B 182 0.84 13.45 29.61
C GLU B 182 -0.05 14.66 29.41
N ASP B 183 -0.30 15.04 28.15
CA ASP B 183 -1.15 16.18 27.83
C ASP B 183 -2.55 15.79 27.37
N ASN B 184 -2.92 14.51 27.46
CA ASN B 184 -4.20 14.02 26.95
C ASN B 184 -4.47 14.52 25.53
N THR B 185 -3.55 14.20 24.63
CA THR B 185 -3.73 14.48 23.21
C THR B 185 -3.69 13.22 22.37
N SER B 186 -3.77 12.05 22.99
CA SER B 186 -3.82 10.80 22.27
C SER B 186 -4.91 10.84 21.20
N THR B 187 -4.58 10.33 20.02
CA THR B 187 -5.47 10.44 18.88
C THR B 187 -5.53 9.09 18.18
N PHE B 188 -6.69 8.79 17.62
CA PHE B 188 -6.88 7.62 16.78
C PHE B 188 -7.05 8.12 15.35
N LEU B 189 -6.22 7.61 14.45
CA LEU B 189 -6.18 8.04 13.06
C LEU B 189 -6.90 7.02 12.19
N VAL B 190 -7.82 7.49 11.36
CA VAL B 190 -8.54 6.63 10.42
C VAL B 190 -8.13 7.00 8.99
N GLY B 191 -7.54 6.04 8.29
CA GLY B 191 -7.21 6.21 6.90
C GLY B 191 -5.76 6.54 6.58
N GLY B 192 -4.88 6.55 7.56
CA GLY B 192 -3.48 6.85 7.29
C GLY B 192 -2.76 7.31 8.55
N VAL B 193 -1.81 8.24 8.36
CA VAL B 193 -0.94 8.72 9.43
C VAL B 193 -0.83 10.25 9.32
N SER B 194 -0.05 10.84 10.22
CA SER B 194 0.13 12.29 10.26
C SER B 194 1.54 12.67 10.70
N LYS B 195 2.18 13.59 9.96
CA LYS B 195 3.49 14.11 10.35
C LYS B 195 3.50 14.67 11.76
N SER B 196 2.33 14.99 12.31
CA SER B 196 2.26 15.62 13.63
C SER B 196 2.56 14.64 14.77
N PHE B 197 2.40 13.33 14.56
CA PHE B 197 2.44 12.36 15.64
C PHE B 197 3.72 11.53 15.68
N TYR B 198 4.52 11.54 14.62
CA TYR B 198 5.77 10.80 14.62
C TYR B 198 6.86 11.64 13.97
N GLU B 199 8.10 11.21 14.20
CA GLU B 199 9.25 11.75 13.49
C GLU B 199 10.14 10.59 13.06
N GLY B 200 11.08 10.90 12.19
CA GLY B 200 11.90 9.84 11.62
C GLY B 200 11.15 9.05 10.59
N SER B 201 11.58 7.82 10.41
CA SER B 201 10.98 6.95 9.41
C SER B 201 10.04 5.94 10.06
N ILE B 202 9.12 5.45 9.24
CA ILE B 202 8.25 4.34 9.60
C ILE B 202 8.87 3.08 9.03
N TYR B 203 9.01 2.05 9.87
CA TYR B 203 9.56 0.77 9.45
C TYR B 203 8.45 -0.25 9.49
N MET B 204 8.24 -0.94 8.37
CA MET B 204 7.11 -1.85 8.25
C MET B 204 7.46 -3.25 8.73
N LEU B 205 6.51 -3.89 9.40
CA LEU B 205 6.67 -5.24 9.93
C LEU B 205 5.51 -6.08 9.44
N PRO B 206 5.76 -7.17 8.72
CA PRO B 206 4.65 -7.96 8.16
C PRO B 206 3.89 -8.72 9.23
N VAL B 207 2.56 -8.82 9.04
CA VAL B 207 1.72 -9.64 9.90
C VAL B 207 1.93 -11.10 9.50
N VAL B 208 2.35 -11.92 10.45
CA VAL B 208 2.62 -13.33 10.15
C VAL B 208 1.31 -14.12 10.10
N LYS B 209 0.39 -13.81 11.01
CA LYS B 209 -0.88 -14.52 11.13
C LYS B 209 -1.95 -13.46 11.29
N GLU B 210 -2.93 -13.45 10.38
CA GLU B 210 -3.98 -12.42 10.42
C GLU B 210 -5.04 -12.81 11.44
N TYR B 211 -4.63 -12.76 12.71
CA TYR B 211 -5.53 -12.95 13.84
C TYR B 211 -5.43 -11.74 14.76
N TYR B 212 -4.43 -11.75 15.64
CA TYR B 212 -3.97 -10.51 16.24
C TYR B 212 -3.14 -9.75 15.22
N TRP B 213 -2.70 -8.56 15.62
CA TRP B 213 -1.65 -7.90 14.85
C TRP B 213 -0.33 -8.49 15.31
N GLU B 214 0.04 -9.60 14.68
CA GLU B 214 1.14 -10.44 15.13
C GLU B 214 2.27 -10.38 14.10
N VAL B 215 3.49 -10.12 14.58
CA VAL B 215 4.66 -10.01 13.71
C VAL B 215 5.78 -10.86 14.27
N GLU B 216 6.72 -11.20 13.40
CA GLU B 216 7.89 -11.97 13.79
C GLU B 216 8.70 -11.20 14.83
N LEU B 217 9.29 -11.93 15.76
CA LEU B 217 10.16 -11.34 16.78
C LEU B 217 11.42 -12.18 16.88
N ASP B 218 12.57 -11.51 16.86
CA ASP B 218 13.84 -12.21 16.81
C ASP B 218 14.62 -12.19 18.11
N GLY B 219 14.15 -11.48 19.13
CA GLY B 219 14.83 -11.55 20.41
C GLY B 219 14.50 -10.38 21.28
N ILE B 220 14.78 -10.54 22.57
CA ILE B 220 14.57 -9.50 23.57
C ILE B 220 15.79 -9.49 24.47
N TYR B 221 16.26 -8.29 24.81
CA TYR B 221 17.45 -8.11 25.63
C TYR B 221 17.15 -7.14 26.75
N VAL B 222 17.55 -7.49 27.96
CA VAL B 222 17.56 -6.56 29.09
C VAL B 222 19.02 -6.32 29.44
N GLY B 223 19.51 -5.14 29.12
CA GLY B 223 20.95 -4.89 29.18
C GLY B 223 21.65 -5.90 28.31
N GLU B 224 22.64 -6.59 28.88
CA GLU B 224 23.37 -7.60 28.15
C GLU B 224 22.68 -8.96 28.20
N LYS B 225 21.72 -9.15 29.09
CA LYS B 225 21.07 -10.44 29.23
C LYS B 225 20.04 -10.64 28.12
N LYS B 226 20.14 -11.74 27.41
CA LYS B 226 19.16 -12.11 26.40
C LYS B 226 18.00 -12.83 27.06
N ILE B 227 16.82 -12.22 27.04
CA ILE B 227 15.60 -12.87 27.50
C ILE B 227 14.97 -13.73 26.40
N CYS B 228 15.24 -13.41 25.15
CA CYS B 228 14.62 -14.07 24.02
C CYS B 228 15.50 -13.81 22.80
N CYS B 229 15.38 -14.64 21.78
CA CYS B 229 14.42 -15.74 21.72
C CYS B 229 15.11 -17.06 21.41
N GLU B 230 14.98 -18.04 22.30
CA GLU B 230 15.51 -19.36 21.99
C GLU B 230 14.59 -20.14 21.06
N GLU B 231 13.34 -19.71 20.92
CA GLU B 231 12.35 -20.37 20.08
C GLU B 231 11.70 -19.35 19.16
N LYS B 232 10.96 -19.83 18.16
CA LYS B 232 10.25 -18.92 17.27
C LYS B 232 9.25 -18.10 18.07
N SER B 233 9.49 -16.81 18.19
CA SER B 233 8.63 -15.94 18.99
C SER B 233 7.92 -14.92 18.11
N TYR B 234 6.95 -14.24 18.69
CA TYR B 234 6.13 -13.29 17.96
C TYR B 234 5.82 -12.10 18.86
N ALA B 235 5.29 -11.05 18.24
CA ALA B 235 4.92 -9.85 18.94
C ALA B 235 3.50 -9.47 18.52
N ILE B 236 2.71 -9.03 19.49
CA ILE B 236 1.32 -8.65 19.24
C ILE B 236 1.15 -7.22 19.72
N PHE B 237 0.57 -6.38 18.87
CA PHE B 237 0.34 -4.97 19.18
C PHE B 237 -1.08 -4.82 19.70
N ASP B 238 -1.21 -4.63 21.01
CA ASP B 238 -2.50 -4.70 21.70
C ASP B 238 -2.75 -3.39 22.43
N THR B 239 -3.63 -2.56 21.88
CA THR B 239 -4.01 -1.30 22.52
C THR B 239 -4.94 -1.50 23.70
N GLY B 240 -5.43 -2.72 23.92
CA GLY B 240 -6.31 -3.05 25.02
C GLY B 240 -5.63 -3.28 26.34
N THR B 241 -4.30 -3.44 26.36
CA THR B 241 -3.52 -3.56 27.58
C THR B 241 -2.50 -2.44 27.63
N SER B 242 -2.50 -1.69 28.71
CA SER B 242 -1.48 -0.66 28.89
C SER B 242 -0.11 -1.24 29.20
N TYR B 243 -0.04 -2.53 29.52
CA TYR B 243 1.20 -3.16 29.92
C TYR B 243 1.82 -3.92 28.74
N ASN B 244 3.14 -4.01 28.73
CA ASN B 244 3.82 -5.00 27.90
C ASN B 244 3.75 -6.36 28.59
N THR B 245 3.75 -7.43 27.81
CA THR B 245 3.57 -8.75 28.38
C THR B 245 4.79 -9.63 28.14
N MET B 246 4.74 -10.79 28.78
CA MET B 246 5.76 -11.81 28.68
C MET B 246 5.16 -13.12 29.11
N PRO B 247 5.55 -14.24 28.51
CA PRO B 247 4.96 -15.52 28.89
C PRO B 247 5.29 -15.88 30.34
N SER B 248 4.50 -16.80 30.89
CA SER B 248 4.77 -17.29 32.24
C SER B 248 6.17 -17.85 32.34
N ALA B 249 6.53 -18.73 31.41
CA ALA B 249 7.86 -19.31 31.40
C ALA B 249 8.95 -18.25 31.49
N GLN B 250 8.82 -17.17 30.72
CA GLN B 250 9.82 -16.13 30.64
C GLN B 250 9.69 -15.08 31.73
N MET B 251 8.60 -15.06 32.48
CA MET B 251 8.30 -13.89 33.31
C MET B 251 9.12 -13.84 34.59
N LYS B 252 9.35 -14.98 35.24
CA LYS B 252 10.10 -14.93 36.49
C LYS B 252 11.50 -14.37 36.29
N GLY B 253 12.05 -14.52 35.07
CA GLY B 253 13.37 -13.98 34.79
C GLY B 253 13.36 -12.51 34.41
N PHE B 254 12.28 -12.02 33.79
CA PHE B 254 12.20 -10.61 33.47
C PHE B 254 12.25 -9.75 34.73
N PHE B 255 11.27 -9.94 35.63
CA PHE B 255 11.29 -9.21 36.89
C PHE B 255 12.59 -9.40 37.62
N ASP B 256 13.27 -10.52 37.35
CA ASP B 256 14.54 -10.81 38.00
C ASP B 256 15.63 -9.84 37.55
N VAL B 257 15.54 -9.31 36.33
CA VAL B 257 16.47 -8.29 35.86
C VAL B 257 15.87 -6.90 35.89
N VAL B 258 14.56 -6.78 35.98
CA VAL B 258 13.87 -5.49 36.12
C VAL B 258 13.17 -5.47 37.47
N PRO B 259 13.84 -5.10 38.54
CA PRO B 259 13.22 -5.09 39.87
C PRO B 259 12.40 -3.83 40.13
N SER B 260 11.51 -3.93 41.11
CA SER B 260 10.83 -2.75 41.62
C SER B 260 11.81 -1.91 42.43
N ALA B 261 11.40 -0.69 42.78
CA ALA B 261 12.30 0.24 43.44
C ALA B 261 11.49 1.32 44.12
N PRO B 262 12.00 1.90 45.21
CA PRO B 262 11.34 3.06 45.83
C PRO B 262 11.60 4.31 45.00
N CYS B 263 10.54 5.07 44.72
CA CYS B 263 10.63 6.25 43.87
C CYS B 263 9.76 7.36 44.42
N THR B 264 10.12 8.60 44.10
CA THR B 264 9.31 9.75 44.41
C THR B 264 9.28 10.67 43.19
N GLU B 265 8.37 11.63 43.21
CA GLU B 265 8.24 12.56 42.09
C GLU B 265 9.57 13.23 41.76
N GLU B 266 10.41 13.45 42.78
CA GLU B 266 11.71 14.07 42.60
C GLU B 266 12.85 13.05 42.66
N ASN B 267 12.56 11.80 43.02
CA ASN B 267 13.57 10.76 43.19
C ASN B 267 13.62 9.77 42.03
N TYR B 268 12.54 9.65 41.26
CA TYR B 268 12.53 8.70 40.15
C TYR B 268 13.72 8.91 39.22
N GLN B 269 14.08 10.18 38.98
CA GLN B 269 15.18 10.49 38.06
C GLN B 269 16.45 9.73 38.44
N GLU B 270 16.79 9.70 39.73
CA GLU B 270 18.03 9.10 40.17
C GLU B 270 17.94 7.58 40.30
N VAL B 271 16.84 7.08 40.86
CA VAL B 271 16.73 5.63 41.10
C VAL B 271 16.98 4.84 39.83
N LEU B 272 16.51 5.36 38.69
CA LEU B 272 16.50 4.63 37.44
C LEU B 272 17.76 4.82 36.61
N LYS B 273 18.74 5.57 37.11
CA LYS B 273 19.93 5.85 36.32
C LYS B 273 20.86 4.65 36.19
N ASN B 274 20.51 3.51 36.76
CA ASN B 274 21.31 2.30 36.62
C ASN B 274 20.56 1.16 35.93
N TYR B 275 19.26 1.30 35.70
CA TYR B 275 18.47 0.23 35.13
C TYR B 275 18.94 -0.11 33.71
N PRO B 276 18.64 -1.32 33.25
CA PRO B 276 19.05 -1.73 31.91
C PRO B 276 18.10 -1.18 30.85
N VAL B 277 18.54 -1.29 29.60
CA VAL B 277 17.74 -0.89 28.45
C VAL B 277 17.16 -2.15 27.83
N ILE B 278 15.85 -2.13 27.57
CA ILE B 278 15.17 -3.26 26.95
C ILE B 278 15.21 -3.07 25.44
N LYS B 279 15.74 -4.07 24.73
CA LYS B 279 15.88 -4.03 23.27
C LYS B 279 15.04 -5.15 22.65
N TYR B 280 14.00 -4.77 21.92
CA TYR B 280 13.21 -5.71 21.12
C TYR B 280 13.79 -5.78 19.71
N LEU B 281 14.01 -7.00 19.21
CA LEU B 281 14.66 -7.20 17.91
C LEU B 281 13.67 -7.77 16.91
N PHE B 282 13.50 -7.07 15.79
CA PHE B 282 12.66 -7.51 14.67
C PHE B 282 13.57 -7.64 13.45
N GLY B 283 14.23 -8.79 13.36
CA GLY B 283 15.24 -8.97 12.34
C GLY B 283 16.45 -8.10 12.61
N ASP B 284 16.92 -7.42 11.57
CA ASP B 284 18.07 -6.54 11.72
C ASP B 284 17.74 -5.25 12.46
N LEU B 285 16.49 -5.08 12.87
CA LEU B 285 16.00 -3.83 13.44
C LEU B 285 15.90 -3.96 14.96
N VAL B 286 16.41 -2.98 15.69
CA VAL B 286 16.37 -3.00 17.16
C VAL B 286 15.58 -1.81 17.68
N ILE B 287 14.62 -2.10 18.55
CA ILE B 287 13.80 -1.08 19.21
C ILE B 287 14.20 -1.01 20.68
N GLU B 288 14.49 0.19 21.18
CA GLU B 288 14.98 0.37 22.54
C GLU B 288 13.91 0.99 23.43
N LEU B 289 13.81 0.49 24.67
CA LEU B 289 12.98 1.06 25.72
C LEU B 289 13.88 1.39 26.91
N LEU B 290 13.81 2.65 27.37
CA LEU B 290 14.64 3.11 28.48
C LEU B 290 13.90 2.97 29.81
N PRO B 291 14.63 2.91 30.92
CA PRO B 291 13.96 2.80 32.24
C PRO B 291 12.83 3.79 32.44
N GLU B 292 13.05 5.08 32.19
CA GLU B 292 11.97 6.05 32.30
C GLU B 292 10.85 5.78 31.31
N GLU B 293 11.06 4.88 30.35
CA GLU B 293 10.05 4.56 29.37
C GLU B 293 9.26 3.31 29.73
N TYR B 294 9.89 2.32 30.37
CA TYR B 294 9.19 1.11 30.77
C TYR B 294 8.92 1.02 32.27
N MET B 295 9.32 2.02 33.05
CA MET B 295 9.03 2.07 34.47
C MET B 295 7.93 3.09 34.75
N ILE B 296 7.23 2.89 35.88
CA ILE B 296 6.14 3.79 36.29
C ILE B 296 6.11 3.88 37.81
N LEU B 297 5.61 5.02 38.31
CA LEU B 297 5.48 5.26 39.74
C LEU B 297 4.14 4.70 40.24
N ASN B 298 4.21 3.83 41.25
CA ASN B 298 3.01 3.22 41.82
C ASN B 298 3.17 3.21 43.34
N GLU B 299 2.63 4.23 44.00
CA GLU B 299 2.71 4.36 45.46
C GLU B 299 4.18 4.35 45.91
N GLU B 300 4.87 5.42 45.53
CA GLU B 300 6.27 5.61 45.91
C GLU B 300 7.13 4.39 45.56
N SER B 301 6.84 3.79 44.40
CA SER B 301 7.61 2.64 43.95
C SER B 301 7.69 2.65 42.44
N CYS B 302 8.90 2.44 41.92
CA CYS B 302 9.14 2.27 40.50
C CYS B 302 8.93 0.82 40.11
N ILE B 303 8.00 0.55 39.20
CA ILE B 303 7.69 -0.84 38.90
C ILE B 303 7.70 -1.13 37.42
N PRO B 304 8.38 -2.10 36.98
CA PRO B 304 8.34 -2.39 35.53
C PRO B 304 6.91 -2.46 34.99
N ALA B 305 6.55 -1.61 34.01
CA ALA B 305 5.19 -1.68 33.45
C ALA B 305 5.02 -2.91 32.54
N TYR B 306 5.05 -4.08 33.16
CA TYR B 306 5.00 -5.36 32.46
C TYR B 306 4.02 -6.28 33.16
N MET B 307 3.50 -7.24 32.40
CA MET B 307 2.46 -8.12 32.90
C MET B 307 2.58 -9.47 32.23
N GLN B 308 2.17 -10.50 32.95
CA GLN B 308 2.32 -11.87 32.47
C GLN B 308 1.11 -12.27 31.63
N ILE B 309 1.37 -12.80 30.43
CA ILE B 309 0.30 -13.22 29.52
C ILE B 309 0.78 -14.40 28.69
N ASP B 310 -0.04 -15.45 28.61
CA ASP B 310 0.23 -16.61 27.76
C ASP B 310 -0.81 -16.64 26.65
N VAL B 311 -0.38 -16.36 25.42
CA VAL B 311 -1.28 -16.44 24.26
C VAL B 311 -1.42 -17.91 23.87
N PRO B 312 -2.65 -18.45 23.90
CA PRO B 312 -2.80 -19.90 23.72
C PRO B 312 -2.28 -20.41 22.39
N SER B 313 -2.71 -19.79 21.28
CA SER B 313 -2.34 -20.35 19.98
C SER B 313 -0.84 -20.33 19.78
N GLU B 314 -0.16 -19.33 20.33
CA GLU B 314 1.25 -19.10 20.04
C GLU B 314 2.18 -19.98 20.87
N LYS B 315 1.63 -20.93 21.64
CA LYS B 315 2.42 -21.82 22.47
C LYS B 315 3.27 -21.03 23.47
N ASN B 316 2.65 -20.01 24.09
CA ASN B 316 3.32 -19.17 25.07
C ASN B 316 4.64 -18.61 24.52
N HIS B 317 4.60 -18.17 23.25
CA HIS B 317 5.75 -17.55 22.59
C HIS B 317 5.41 -16.19 22.01
N ALA B 318 4.32 -15.58 22.46
CA ALA B 318 3.90 -14.27 21.98
C ALA B 318 4.11 -13.23 23.06
N TYR B 319 4.63 -12.08 22.63
CA TYR B 319 4.90 -10.95 23.52
C TYR B 319 4.06 -9.78 23.07
N LEU B 320 3.47 -9.09 24.03
CA LEU B 320 2.54 -8.02 23.73
C LEU B 320 3.17 -6.68 24.08
N LEU B 321 2.83 -5.68 23.27
CA LEU B 321 3.29 -4.31 23.47
C LEU B 321 2.06 -3.45 23.71
N GLY B 322 1.99 -2.83 24.88
CA GLY B 322 0.82 -2.11 25.30
C GLY B 322 0.85 -0.65 24.92
N SER B 323 -0.13 0.09 25.44
CA SER B 323 -0.26 1.50 25.09
C SER B 323 0.70 2.37 25.89
N ILE B 324 0.98 2.01 27.13
CA ILE B 324 1.81 2.86 27.98
C ILE B 324 3.28 2.50 27.88
N ALA B 325 3.59 1.20 27.85
CA ALA B 325 4.98 0.76 27.85
C ALA B 325 5.60 0.79 26.46
N PHE B 326 4.82 1.01 25.41
CA PHE B 326 5.36 0.98 24.07
C PHE B 326 4.74 2.07 23.19
N MET B 327 3.44 1.97 22.93
CA MET B 327 2.84 2.87 21.97
C MET B 327 2.96 4.32 22.38
N ARG B 328 3.05 4.59 23.68
CA ARG B 328 3.30 5.95 24.12
C ARG B 328 4.62 6.48 23.57
N HIS B 329 5.57 5.58 23.29
CA HIS B 329 6.87 5.99 22.79
C HIS B 329 7.06 5.75 21.30
N TYR B 330 6.29 4.83 20.70
CA TYR B 330 6.46 4.49 19.29
C TYR B 330 5.12 4.60 18.60
N TYR B 331 5.01 5.58 17.70
CA TYR B 331 3.85 5.70 16.84
C TYR B 331 3.68 4.41 16.05
N THR B 332 2.44 3.94 15.90
CA THR B 332 2.15 2.64 15.30
C THR B 332 1.10 2.81 14.21
N VAL B 333 1.41 2.29 13.03
CA VAL B 333 0.50 2.28 11.90
C VAL B 333 0.06 0.86 11.64
N PHE B 334 -1.22 0.68 11.35
CA PHE B 334 -1.78 -0.62 11.03
C PHE B 334 -2.30 -0.60 9.61
N VAL B 335 -1.73 -1.45 8.76
CA VAL B 335 -2.09 -1.53 7.34
C VAL B 335 -2.79 -2.86 7.12
N ARG B 336 -4.09 -2.76 6.86
CA ARG B 336 -4.94 -3.92 6.62
C ARG B 336 -4.86 -4.30 5.15
N GLY B 337 -4.53 -5.56 4.89
CA GLY B 337 -4.33 -6.04 3.55
C GLY B 337 -5.60 -6.68 3.01
N ALA B 338 -5.67 -6.76 1.71
CA ALA B 338 -6.80 -7.33 1.01
C ALA B 338 -6.38 -8.71 0.53
N GLY B 339 -7.21 -9.34 -0.30
CA GLY B 339 -6.83 -10.62 -0.86
C GLY B 339 -5.53 -10.51 -1.61
N GLY B 340 -4.54 -11.27 -1.15
CA GLY B 340 -3.22 -11.26 -1.75
C GLY B 340 -2.29 -10.19 -1.24
N GLN B 341 -2.83 -9.13 -0.63
CA GLN B 341 -2.07 -8.04 -0.06
C GLN B 341 -1.76 -8.36 1.39
N PRO B 342 -0.48 -8.34 1.79
CA PRO B 342 -0.15 -8.63 3.18
C PRO B 342 -0.43 -7.44 4.08
N SER B 343 -0.78 -7.73 5.33
CA SER B 343 -1.00 -6.71 6.34
C SER B 343 0.30 -6.38 7.07
N MET B 344 0.41 -5.15 7.55
CA MET B 344 1.66 -4.70 8.15
C MET B 344 1.39 -3.86 9.38
N VAL B 345 2.35 -3.91 10.30
CA VAL B 345 2.39 -3.02 11.45
C VAL B 345 3.59 -2.09 11.25
N GLY B 346 3.31 -0.79 11.26
CA GLY B 346 4.34 0.22 11.09
C GLY B 346 4.69 0.86 12.43
N VAL B 347 5.97 1.02 12.67
CA VAL B 347 6.48 1.54 13.93
C VAL B 347 7.39 2.73 13.63
N ALA B 348 7.19 3.83 14.36
CA ALA B 348 7.97 5.04 14.19
C ALA B 348 8.07 5.73 15.55
N LYS B 349 9.08 6.57 15.70
CA LYS B 349 9.24 7.26 16.98
C LYS B 349 8.08 8.21 17.21
N ALA B 350 7.39 8.05 18.33
CA ALA B 350 6.30 8.95 18.68
C ALA B 350 6.86 10.32 18.98
N ARG B 351 6.24 11.34 18.41
CA ARG B 351 6.66 12.72 18.67
C ARG B 351 6.13 13.14 20.04
N ALA B 352 7.01 13.19 21.02
CA ALA B 352 6.61 13.34 22.41
C ALA B 352 6.27 14.78 22.74
N ALA B 353 5.35 14.96 23.68
CA ALA B 353 4.94 16.27 24.15
C ALA B 353 5.82 16.74 25.30
N ALA B 354 5.70 18.04 25.62
CA ALA B 354 6.28 18.65 26.83
C ALA B 354 7.66 18.17 27.22
C1 NAG C . 22.56 23.81 -23.03
C2 NAG C . 22.29 24.52 -21.72
C3 NAG C . 22.99 25.88 -21.68
C4 NAG C . 24.48 25.72 -21.99
C5 NAG C . 24.69 24.93 -23.28
C6 NAG C . 26.14 24.59 -23.54
C7 NAG C . 20.27 24.55 -20.30
C8 NAG C . 21.17 24.21 -19.15
N2 NAG C . 20.86 24.69 -21.49
O3 NAG C . 22.81 26.46 -20.40
O4 NAG C . 25.08 27.01 -22.13
O5 NAG C . 23.97 23.70 -23.24
O6 NAG C . 26.43 23.22 -23.24
O7 NAG C . 19.07 24.69 -20.16
C1 NAG C . 25.96 27.29 -21.02
C2 NAG C . 27.04 28.28 -21.47
C3 NAG C . 27.96 28.63 -20.30
C4 NAG C . 27.13 29.16 -19.13
C5 NAG C . 26.05 28.16 -18.75
C6 NAG C . 25.10 28.68 -17.69
C7 NAG C . 27.52 27.97 -23.87
C8 NAG C . 26.31 28.81 -24.13
N2 NAG C . 27.82 27.74 -22.58
O3 NAG C . 28.93 29.59 -20.69
O4 NAG C . 27.98 29.38 -18.00
O5 NAG C . 25.23 27.86 -19.90
O6 NAG C . 25.10 30.10 -17.63
O7 NAG C . 28.19 27.50 -24.78
C1 GOL D . 1.52 18.16 -24.31
O1 GOL D . 2.74 17.59 -23.90
C2 GOL D . 1.82 19.61 -24.79
O2 GOL D . 0.72 20.15 -25.43
C3 GOL D . 2.19 20.34 -23.48
O3 GOL D . 1.95 21.69 -23.69
H11 GOL D . 0.86 18.19 -23.59
H12 GOL D . 1.10 17.67 -25.03
HO1 GOL D . 3.36 18.14 -24.11
H2 GOL D . 2.54 19.64 -25.44
HO2 GOL D . 0.06 19.64 -25.33
H31 GOL D . 1.67 19.97 -22.75
H32 GOL D . 3.12 20.13 -23.26
HO3 GOL D . 2.62 21.99 -24.13
C1 ZRN E . 8.25 -5.94 -27.85
C2 ZRN E . 11.96 0.56 -29.42
C3 ZRN E . 2.48 0.15 -29.93
C5 ZRN E . 9.40 -5.63 -25.85
C6 ZRN E . 10.34 -0.80 -27.95
C7 ZRN E . 11.16 -2.08 -28.19
C8 ZRN E . 10.50 -3.33 -27.67
C10 ZRN E . 9.46 -1.98 -25.93
C21 ZRN E . 7.72 -6.53 -28.99
C22 ZRN E . 8.71 -6.32 -24.69
C24 ZRN E . 5.41 -3.74 -30.12
C26 ZRN E . 2.77 -1.20 -29.25
C28 ZRN E . 3.81 -1.88 -30.17
C29 ZRN E . 4.53 -0.70 -30.78
C30 ZRN E . 5.78 -0.66 -31.39
C31 ZRN E . 6.26 0.55 -31.87
C32 ZRN E . 5.51 1.71 -31.74
C13 ZRN E . 8.73 -4.29 -26.26
C14 ZRN E . 9.15 -0.61 -28.92
C15 ZRN E . 11.25 0.44 -28.09
C16 ZRN E . 8.17 0.47 -28.46
C17 ZRN E . 7.87 -4.68 -27.44
C18 ZRN E . 6.93 -3.98 -28.16
C19 ZRN E . 6.38 -4.54 -29.31
C20 ZRN E . 6.79 -5.82 -29.72
C33 ZRN E . 4.26 1.65 -31.12
C34 ZRN E . 3.77 0.44 -30.64
C35 ZRN E . 10.90 -5.55 -25.57
C36 ZRN E . 11.57 -5.60 -23.32
N11 ZRN E . 9.14 -1.85 -24.70
N27 ZRN E . 4.72 -2.79 -29.47
N4 ZRN E . 9.71 -0.86 -26.64
N9 ZRN E . 9.62 -3.18 -26.60
O12 ZRN E . 10.71 -4.41 -28.19
O23 ZRN E . 9.22 -6.50 -27.05
O25 ZRN E . 5.28 -3.94 -31.32
O37 ZRN E . 11.23 -6.38 -24.47
O38 ZRN E . 1.56 -1.97 -29.15
H2C ZRN E . 12.61 1.30 -29.42
H2A ZRN E . 11.33 0.74 -30.16
H2B ZRN E . 12.45 -0.26 -29.65
H3A ZRN E . 1.74 0.08 -30.56
H3B ZRN E . 2.28 0.85 -29.27
H7A ZRN E . 12.04 -2.01 -27.73
H7B ZRN E . 11.33 -2.22 -29.13
H21 ZRN E . 8.01 -7.42 -29.27
H22A ZRN E . 9.06 -7.22 -24.54
H22B ZRN E . 7.74 -6.41 -24.86
H22C ZRN E . 8.81 -5.81 -23.86
H26 ZRN E . 3.12 -1.07 -28.34
H28 ZRN E . 3.34 -2.39 -30.85
H30 ZRN E . 6.32 -1.47 -31.49
H31 ZRN E . 7.14 0.60 -32.30
H32 ZRN E . 5.85 2.55 -32.07
H13 ZRN E . 8.12 -4.02 -25.56
H14B ZRN E . 8.68 -1.46 -29.02
H14A ZRN E . 9.48 -0.38 -29.81
H15A ZRN E . 10.72 1.26 -27.94
H15B ZRN E . 11.92 0.43 -27.38
H16B ZRN E . 7.77 0.25 -27.59
H16C ZRN E . 7.43 0.58 -29.09
H16A ZRN E . 8.60 1.34 -28.37
H18 ZRN E . 6.65 -3.09 -27.85
H20 ZRN E . 6.39 -6.22 -30.53
H33 ZRN E . 3.73 2.48 -31.03
H35B ZRN E . 11.42 -5.85 -26.34
H35A ZRN E . 11.15 -4.63 -25.34
H36B ZRN E . 11.66 -6.17 -22.53
H36C ZRN E . 10.88 -4.93 -23.13
H36A ZRN E . 12.43 -5.14 -23.45
H27 ZRN E . 4.80 -2.69 -28.60
H4 ZRN E . 9.21 -0.17 -26.38
H38 ZRN E . 1.27 -2.03 -29.95
S SO4 F . -8.41 6.68 -33.91
O1 SO4 F . -8.10 7.71 -34.90
O2 SO4 F . -7.41 5.62 -34.02
O3 SO4 F . -8.38 7.24 -32.56
O4 SO4 F . -9.74 6.13 -34.17
S SO4 G . 24.51 28.58 -31.82
O1 SO4 G . 23.72 29.61 -32.50
O2 SO4 G . 25.78 28.43 -32.53
O3 SO4 G . 24.77 29.00 -30.44
O4 SO4 G . 23.80 27.31 -31.78
C1 NAG H . -27.12 -7.36 6.47
C2 NAG H . -27.56 -7.73 5.05
C3 NAG H . -27.95 -9.21 4.98
C4 NAG H . -26.82 -10.09 5.52
C5 NAG H . -26.43 -9.64 6.93
C6 NAG H . -25.25 -10.39 7.49
C7 NAG H . -29.11 -6.89 3.33
C8 NAG H . -30.25 -5.95 3.05
N2 NAG H . -28.66 -6.89 4.59
O3 NAG H . -28.23 -9.58 3.63
O4 NAG H . -27.22 -11.45 5.54
O5 NAG H . -26.08 -8.25 6.92
O6 NAG H . -25.16 -11.72 6.99
O7 NAG H . -28.64 -7.61 2.46
C1 GOL I . -15.68 12.14 27.16
O1 GOL I . -15.45 13.16 28.06
C2 GOL I . -14.35 11.84 26.43
O2 GOL I . -14.41 10.67 25.72
C3 GOL I . -14.12 13.05 25.50
O3 GOL I . -13.35 12.57 24.41
H11 GOL I . -16.36 12.37 26.50
H12 GOL I . -16.00 11.33 27.59
HO1 GOL I . -16.12 13.20 28.57
H2 GOL I . -13.64 11.74 27.09
HO2 GOL I . -14.16 10.84 24.93
H31 GOL I . -13.69 13.76 26.00
H32 GOL I . -14.98 13.41 25.24
HO3 GOL I . -12.75 13.16 24.24
C1 ZRN J . -5.51 -8.74 28.96
C2 ZRN J . -12.49 -8.36 25.45
C3 ZRN J . -8.81 -0.88 29.79
C5 ZRN J . -5.01 -9.34 26.77
C6 ZRN J . -9.96 -7.82 25.54
C7 ZRN J . -9.59 -9.13 26.28
C8 ZRN J . -8.17 -9.17 26.75
C10 ZRN J . -7.59 -7.70 24.94
C21 ZRN J . -5.52 -8.71 30.34
C22 ZRN J . -3.58 -9.00 26.41
C24 ZRN J . -7.28 -5.38 30.86
C26 ZRN J . -7.56 -1.77 29.85
C28 ZRN J . -8.05 -3.07 30.52
C29 ZRN J . -9.51 -3.13 30.10
C30 ZRN J . -10.36 -4.22 30.08
C31 ZRN J . -11.66 -4.05 29.62
C32 ZRN J . -12.09 -2.81 29.19
C13 ZRN J . -5.97 -8.11 26.75
C14 ZRN J . -10.10 -6.69 26.56
C15 ZRN J . -11.23 -7.99 24.67
C16 ZRN J . -10.16 -5.27 26.01
C17 ZRN J . -6.04 -7.72 28.22
C18 ZRN J . -6.60 -6.62 28.85
C19 ZRN J . -6.62 -6.57 30.24
C20 ZRN J . -6.08 -7.62 30.98
C33 ZRN J . -11.23 -1.72 29.22
C34 ZRN J . -9.93 -1.88 29.68
C35 ZRN J . -5.54 -10.53 25.97
C36 ZRN J . -4.57 -10.96 23.87
N11 ZRN J . -6.75 -7.08 24.16
N27 ZRN J . -7.33 -4.26 30.11
N4 ZRN J . -8.88 -7.61 24.59
N9 ZRN J . -7.29 -8.32 26.13
O12 ZRN J . -7.81 -9.93 27.64
O23 ZRN J . -5.00 -9.76 28.19
O25 ZRN J . -7.74 -5.42 31.99
O37 ZRN J . -4.48 -11.17 25.29
O38 ZRN J . -6.55 -1.16 30.67
H2C ZRN J . -13.28 -8.34 24.88
H2A ZRN J . -12.65 -7.73 26.18
H2B ZRN J . -12.43 -9.26 25.84
H3A ZRN J . -8.91 -0.34 30.58
H3B ZRN J . -8.80 -0.30 28.99
H7A ZRN J . -9.72 -9.90 25.70
H7B ZRN J . -10.16 -9.24 27.07
H21 ZRN J . -5.14 -9.45 30.86
H22A ZRN J . -2.99 -9.76 26.56
H22B ZRN J . -3.24 -8.25 26.93
H22C ZRN J . -3.50 -8.74 25.47
H26 ZRN J . -7.21 -1.92 28.96
H28 ZRN J . -7.97 -2.98 31.50
H30 ZRN J . -10.07 -5.10 30.37
H31 ZRN J . -12.28 -4.81 29.59
H32 ZRN J . -13.01 -2.69 28.87
H13 ZRN J . -5.53 -7.35 26.33
H14B ZRN J . -9.36 -6.73 27.19
H14A ZRN J . -10.90 -6.84 27.09
H15A ZRN J . -11.40 -7.17 24.18
H15B ZRN J . -11.07 -8.68 23.99
H16B ZRN J . -9.31 -5.01 25.60
H16C ZRN J . -10.35 -4.62 26.72
H16A ZRN J . -10.86 -5.17 25.32
H18 ZRN J . -6.97 -5.90 28.29
H20 ZRN J . -6.09 -7.58 31.96
H33 ZRN J . -11.54 -0.84 28.93
H35B ZRN J . -5.95 -11.19 26.57
H35A ZRN J . -6.19 -10.23 25.31
H36B ZRN J . -3.73 -11.21 23.43
H36C ZRN J . -5.30 -11.49 23.49
H36A ZRN J . -4.76 -10.01 23.68
H27 ZRN J . -6.90 -4.23 29.34
H4 ZRN J . -9.04 -7.71 23.73
H38 ZRN J . -6.96 -0.88 31.36
S SO4 K . -11.61 11.24 34.28
O1 SO4 K . -12.50 11.70 33.21
O2 SO4 K . -10.41 10.64 33.71
O3 SO4 K . -11.22 12.39 35.09
O4 SO4 K . -12.32 10.22 35.06
#